data_5WRR
#
_entry.id   5WRR
#
_cell.length_a   156.854
_cell.length_b   156.854
_cell.length_c   143.655
_cell.angle_alpha   90.00
_cell.angle_beta   90.00
_cell.angle_gamma   120.00
#
_symmetry.space_group_name_H-M   'P 32 2 1'
#
loop_
_entity.id
_entity.type
_entity.pdbx_description
1 polymer 'Pseudokinase FAM20A'
2 branched 2-acetamido-2-deoxy-beta-D-glucopyranose-(1-4)-2-acetamido-2-deoxy-beta-D-glucopyranose
3 non-polymer 2-acetamido-2-deoxy-beta-D-glucopyranose
#
_entity_poly.entity_id   1
_entity_poly.type   'polypeptide(L)'
_entity_poly.pdbx_seq_one_letter_code
;SSKLQALFAHPLYNVPEEPPLLGAEDSLLASQEALRYYRRKVARWNRRHKMYREQMNLTSLDPPLQLRLEASWVQFHLGI
NRHGLYSRSSPVVSKLLQDMRHFPTISADYSQDEKALLGACDCTQIVKPSGVHLKLVLRFSDFGKAMFKPMRQQRDEETP
VDFFYFIDFQRHNAEIAAFHLDRILDFRRVPPTVGRIVNVTKEILEVTKNEILQSVFFVSPASNVCFFAKCPYMCKTEYA
VCGKPHLLEGSLSAFLPSLNLAPRLSVPNPWIRSYTLAGKEEWEVNPLYCDTVKQIYPYNNSQRLLNVIDMAIFDFLIGN
MDRHHYEMFTKFGDDGFLIHLDNARGFGRHSHDEISILSPLSQCCMIKKKTLLHLQLLAQADYRLSDVMRESLLEDQLSP
VLTEPHLLALDRRLQTILRTVEGCIVAHGQQSVIVDGP
;
_entity_poly.pdbx_strand_id   A,B
#
# COMPACT_ATOMS: atom_id res chain seq x y z
N SER A 1 -26.85 -35.34 -14.02
CA SER A 1 -27.56 -34.07 -13.89
C SER A 1 -26.58 -32.90 -13.73
N SER A 2 -26.89 -31.99 -12.81
CA SER A 2 -26.16 -30.74 -12.63
C SER A 2 -25.62 -30.69 -11.20
N LYS A 3 -24.29 -30.67 -11.07
CA LYS A 3 -23.68 -30.65 -9.74
C LYS A 3 -23.95 -29.33 -9.02
N LEU A 4 -23.95 -28.22 -9.76
CA LEU A 4 -24.29 -26.93 -9.16
C LEU A 4 -25.72 -26.93 -8.63
N GLN A 5 -26.66 -27.49 -9.40
CA GLN A 5 -28.02 -27.62 -8.92
C GLN A 5 -28.11 -28.54 -7.71
N ALA A 6 -27.37 -29.65 -7.75
CA ALA A 6 -27.35 -30.57 -6.62
C ALA A 6 -26.82 -29.90 -5.36
N LEU A 7 -25.82 -29.02 -5.51
CA LEU A 7 -25.21 -28.37 -4.37
C LEU A 7 -26.24 -27.54 -3.60
N PHE A 8 -26.98 -26.67 -4.30
CA PHE A 8 -27.93 -25.80 -3.62
C PHE A 8 -29.24 -26.49 -3.27
N ALA A 9 -29.50 -27.68 -3.80
CA ALA A 9 -30.61 -28.50 -3.35
C ALA A 9 -30.25 -29.39 -2.17
N HIS A 10 -28.96 -29.49 -1.84
CA HIS A 10 -28.51 -30.33 -0.75
C HIS A 10 -29.05 -29.80 0.58
N PRO A 11 -29.35 -30.68 1.54
CA PRO A 11 -29.85 -30.22 2.85
C PRO A 11 -28.96 -29.18 3.52
N LEU A 12 -27.65 -29.29 3.35
CA LEU A 12 -26.74 -28.35 3.99
C LEU A 12 -26.99 -26.92 3.51
N TYR A 13 -27.26 -26.75 2.22
CA TYR A 13 -27.50 -25.43 1.66
C TYR A 13 -28.95 -24.98 1.82
N ASN A 14 -29.71 -25.64 2.70
CA ASN A 14 -31.07 -25.24 3.02
C ASN A 14 -31.32 -25.22 4.52
N VAL A 15 -30.27 -25.34 5.33
CA VAL A 15 -30.41 -25.20 6.78
C VAL A 15 -30.65 -23.74 7.13
N PRO A 16 -31.70 -23.41 7.88
CA PRO A 16 -31.88 -22.02 8.31
C PRO A 16 -30.72 -21.57 9.19
N GLU A 17 -30.35 -20.30 9.06
CA GLU A 17 -29.19 -19.76 9.75
C GLU A 17 -29.58 -19.15 11.08
N GLU A 18 -28.78 -19.43 12.10
CA GLU A 18 -29.05 -18.98 13.47
C GLU A 18 -28.08 -17.89 13.88
N PRO A 19 -28.54 -16.87 14.61
CA PRO A 19 -29.95 -16.70 14.98
C PRO A 19 -30.75 -16.04 13.85
N PRO A 20 -32.04 -16.37 13.74
CA PRO A 20 -32.85 -15.80 12.66
C PRO A 20 -32.93 -14.29 12.79
N LEU A 21 -33.12 -13.63 11.64
CA LEU A 21 -33.12 -12.18 11.62
C LEU A 21 -34.35 -11.63 12.31
N LEU A 22 -34.14 -10.68 13.22
CA LEU A 22 -35.21 -10.06 14.00
C LEU A 22 -35.67 -8.74 13.39
N GLY A 23 -35.59 -8.61 12.07
CA GLY A 23 -36.12 -7.45 11.38
C GLY A 23 -35.25 -6.20 11.40
N ALA A 24 -35.56 -5.27 12.29
CA ALA A 24 -34.98 -3.92 12.25
C ALA A 24 -33.48 -3.90 12.53
N GLU A 25 -33.09 -4.21 13.77
CA GLU A 25 -31.69 -4.09 14.18
C GLU A 25 -30.76 -5.01 13.40
N ASP A 26 -31.28 -5.95 12.62
CA ASP A 26 -30.46 -6.87 11.88
C ASP A 26 -30.25 -6.47 10.42
N SER A 27 -30.94 -5.44 9.94
CA SER A 27 -30.72 -4.93 8.59
C SER A 27 -29.71 -3.80 8.62
N LEU A 28 -28.98 -3.66 7.51
CA LEU A 28 -27.99 -2.58 7.40
C LEU A 28 -28.68 -1.23 7.29
N LEU A 29 -29.58 -1.07 6.33
CA LEU A 29 -30.23 0.20 6.07
C LEU A 29 -31.64 0.23 6.68
N ALA A 30 -32.06 1.42 7.08
CA ALA A 30 -33.47 1.69 7.38
C ALA A 30 -34.14 2.08 6.08
N SER A 31 -35.20 1.35 5.71
CA SER A 31 -35.77 1.47 4.38
C SER A 31 -36.24 2.89 4.09
N GLN A 32 -36.99 3.49 5.00
CA GLN A 32 -37.57 4.81 4.74
C GLN A 32 -36.49 5.89 4.72
N GLU A 33 -35.50 5.80 5.63
CA GLU A 33 -34.44 6.80 5.63
C GLU A 33 -33.56 6.67 4.39
N ALA A 34 -33.28 5.43 3.96
CA ALA A 34 -32.42 5.24 2.80
C ALA A 34 -33.14 5.62 1.51
N LEU A 35 -34.45 5.39 1.43
CA LEU A 35 -35.17 5.65 0.19
C LEU A 35 -35.31 7.16 -0.06
N ARG A 36 -35.52 7.95 0.99
CA ARG A 36 -35.57 9.39 0.80
C ARG A 36 -34.21 9.96 0.45
N TYR A 37 -33.14 9.33 0.94
CA TYR A 37 -31.79 9.73 0.55
C TYR A 37 -31.53 9.43 -0.92
N TYR A 38 -31.94 8.25 -1.39
CA TYR A 38 -31.80 7.93 -2.80
C TYR A 38 -32.68 8.81 -3.67
N ARG A 39 -33.87 9.18 -3.18
CA ARG A 39 -34.73 10.07 -3.96
C ARG A 39 -34.13 11.46 -4.10
N ARG A 40 -33.39 11.92 -3.09
CA ARG A 40 -32.72 13.21 -3.21
C ARG A 40 -31.57 13.14 -4.20
N LYS A 41 -30.82 12.04 -4.19
CA LYS A 41 -29.73 11.89 -5.15
C LYS A 41 -30.26 11.79 -6.59
N VAL A 42 -31.43 11.17 -6.76
CA VAL A 42 -32.02 11.09 -8.10
C VAL A 42 -32.50 12.46 -8.55
N ALA A 43 -33.13 13.22 -7.66
CA ALA A 43 -33.51 14.58 -8.00
C ALA A 43 -32.29 15.45 -8.26
N ARG A 44 -31.22 15.24 -7.49
CA ARG A 44 -29.96 15.93 -7.75
C ARG A 44 -29.45 15.62 -9.16
N TRP A 45 -29.43 14.32 -9.52
CA TRP A 45 -28.91 13.91 -10.81
C TRP A 45 -29.75 14.46 -11.96
N ASN A 46 -31.07 14.48 -11.79
CA ASN A 46 -31.93 15.05 -12.83
C ASN A 46 -31.70 16.55 -12.96
N ARG A 47 -31.42 17.23 -11.85
CA ARG A 47 -31.07 18.65 -11.90
C ARG A 47 -29.74 18.86 -12.61
N ARG A 48 -28.72 18.06 -12.28
CA ARG A 48 -27.45 18.16 -13.00
C ARG A 48 -27.64 17.84 -14.48
N HIS A 49 -28.44 16.81 -14.78
CA HIS A 49 -28.61 16.38 -16.16
C HIS A 49 -29.40 17.39 -16.98
N LYS A 50 -30.38 18.05 -16.36
CA LYS A 50 -31.17 19.05 -17.09
C LYS A 50 -30.33 20.25 -17.46
N MET A 51 -29.51 20.76 -16.52
CA MET A 51 -28.69 21.92 -16.84
C MET A 51 -27.61 21.59 -17.86
N TYR A 52 -27.00 20.40 -17.73
CA TYR A 52 -25.94 20.01 -18.66
C TYR A 52 -26.49 19.90 -20.08
N ARG A 53 -27.60 19.18 -20.25
CA ARG A 53 -28.21 19.03 -21.57
C ARG A 53 -28.73 20.33 -22.15
N GLU A 54 -29.06 21.32 -21.31
CA GLU A 54 -29.46 22.63 -21.83
C GLU A 54 -28.26 23.45 -22.27
N GLN A 55 -27.11 23.24 -21.63
CA GLN A 55 -25.90 23.93 -22.05
C GLN A 55 -25.50 23.54 -23.47
N MET A 56 -25.89 22.35 -23.92
CA MET A 56 -25.62 21.92 -25.28
C MET A 56 -26.85 22.15 -26.16
N ASP A 62 -35.61 14.87 -22.94
CA ASP A 62 -36.00 13.54 -22.51
C ASP A 62 -36.62 13.59 -21.11
N PRO A 63 -37.48 12.62 -20.78
CA PRO A 63 -38.16 12.64 -19.49
C PRO A 63 -37.20 12.34 -18.35
N PRO A 64 -37.54 12.75 -17.13
CA PRO A 64 -36.62 12.56 -16.01
C PRO A 64 -36.53 11.11 -15.54
N LEU A 65 -35.54 10.88 -14.68
CA LEU A 65 -35.34 9.58 -14.04
C LEU A 65 -36.12 9.56 -12.73
N GLN A 66 -36.75 8.42 -12.45
CA GLN A 66 -37.47 8.26 -11.20
C GLN A 66 -36.93 7.03 -10.46
N LEU A 67 -36.71 7.19 -9.16
CA LEU A 67 -36.21 6.11 -8.31
C LEU A 67 -37.30 5.07 -8.11
N ARG A 68 -37.11 3.89 -8.71
CA ARG A 68 -38.07 2.79 -8.62
C ARG A 68 -37.64 1.82 -7.53
N LEU A 69 -38.52 1.61 -6.54
CA LEU A 69 -38.21 0.74 -5.41
C LEU A 69 -37.86 -0.67 -5.84
N GLU A 70 -38.43 -1.15 -6.94
CA GLU A 70 -38.21 -2.51 -7.39
C GLU A 70 -36.89 -2.71 -8.13
N ALA A 71 -36.05 -1.68 -8.22
CA ALA A 71 -34.76 -1.83 -8.87
C ALA A 71 -33.90 -2.85 -8.13
N SER A 72 -33.10 -3.60 -8.88
CA SER A 72 -32.30 -4.68 -8.31
C SER A 72 -31.37 -4.15 -7.22
N TRP A 73 -30.63 -3.08 -7.53
CA TRP A 73 -29.66 -2.57 -6.57
C TRP A 73 -30.34 -2.00 -5.33
N VAL A 74 -31.55 -1.46 -5.48
CA VAL A 74 -32.29 -0.96 -4.32
C VAL A 74 -32.63 -2.12 -3.38
N GLN A 75 -33.19 -3.20 -3.93
CA GLN A 75 -33.48 -4.38 -3.11
C GLN A 75 -32.20 -5.01 -2.60
N PHE A 76 -31.13 -4.96 -3.38
CA PHE A 76 -29.83 -5.43 -2.91
C PHE A 76 -29.40 -4.71 -1.64
N HIS A 77 -29.44 -3.37 -1.66
CA HIS A 77 -29.05 -2.59 -0.49
C HIS A 77 -29.96 -2.88 0.70
N LEU A 78 -31.27 -2.90 0.46
CA LEU A 78 -32.22 -3.17 1.53
C LEU A 78 -32.15 -4.61 2.02
N GLY A 79 -31.53 -5.50 1.25
CA GLY A 79 -31.39 -6.89 1.63
C GLY A 79 -30.18 -7.18 2.49
N ILE A 80 -29.20 -6.27 2.48
CA ILE A 80 -28.00 -6.46 3.29
C ILE A 80 -28.40 -6.51 4.76
N ASN A 81 -27.99 -7.58 5.44
CA ASN A 81 -28.35 -7.78 6.85
C ASN A 81 -27.18 -8.39 7.59
N ARG A 82 -27.39 -8.68 8.87
CA ARG A 82 -26.35 -9.19 9.76
C ARG A 82 -25.72 -10.50 9.29
N HIS A 83 -26.35 -11.20 8.35
CA HIS A 83 -25.87 -12.50 7.91
C HIS A 83 -25.06 -12.45 6.60
N GLY A 84 -24.97 -11.29 5.97
CA GLY A 84 -24.17 -11.18 4.77
C GLY A 84 -24.72 -10.11 3.85
N LEU A 85 -24.01 -9.94 2.71
CA LEU A 85 -24.42 -8.94 1.74
C LEU A 85 -25.71 -9.32 1.02
N TYR A 86 -25.98 -10.61 0.89
CA TYR A 86 -27.14 -11.07 0.15
C TYR A 86 -27.55 -12.44 0.70
N SER A 87 -28.75 -12.86 0.29
CA SER A 87 -29.34 -14.09 0.80
C SER A 87 -28.96 -15.27 -0.09
N ARG A 88 -29.07 -16.46 0.49
CA ARG A 88 -28.78 -17.69 -0.25
C ARG A 88 -29.90 -17.97 -1.25
N SER A 89 -29.51 -18.38 -2.46
CA SER A 89 -30.44 -18.64 -3.56
C SER A 89 -31.38 -17.46 -3.77
N SER A 90 -30.79 -16.27 -3.86
CA SER A 90 -31.57 -15.04 -3.90
C SER A 90 -31.96 -14.71 -5.33
N PRO A 91 -33.25 -14.60 -5.65
CA PRO A 91 -33.63 -14.13 -6.99
C PRO A 91 -33.30 -12.66 -7.22
N VAL A 92 -33.18 -11.86 -6.17
CA VAL A 92 -32.77 -10.46 -6.32
C VAL A 92 -31.34 -10.38 -6.85
N VAL A 93 -30.46 -11.26 -6.36
CA VAL A 93 -29.09 -11.27 -6.84
C VAL A 93 -29.04 -11.69 -8.31
N SER A 94 -29.82 -12.71 -8.68
CA SER A 94 -29.87 -13.15 -10.06
C SER A 94 -30.29 -12.02 -10.99
N LYS A 95 -31.30 -11.24 -10.58
CA LYS A 95 -31.75 -10.11 -11.39
C LYS A 95 -30.68 -9.02 -11.47
N LEU A 96 -29.98 -8.76 -10.36
CA LEU A 96 -28.95 -7.72 -10.36
C LEU A 96 -27.79 -8.10 -11.28
N LEU A 97 -27.39 -9.37 -11.29
CA LEU A 97 -26.36 -9.82 -12.23
C LEU A 97 -26.80 -9.60 -13.67
N GLN A 98 -28.06 -9.91 -13.97
CA GLN A 98 -28.57 -9.70 -15.33
C GLN A 98 -28.68 -8.21 -15.65
N ASP A 99 -29.09 -7.40 -14.67
CA ASP A 99 -29.23 -5.96 -14.93
C ASP A 99 -27.88 -5.32 -15.18
N MET A 100 -26.86 -5.68 -14.40
CA MET A 100 -25.53 -5.13 -14.64
C MET A 100 -24.98 -5.56 -15.99
N ARG A 101 -25.41 -6.70 -16.50
CA ARG A 101 -24.89 -7.24 -17.75
C ARG A 101 -25.54 -6.59 -18.98
N HIS A 102 -26.78 -6.10 -18.85
CA HIS A 102 -27.55 -5.67 -20.02
C HIS A 102 -28.06 -4.25 -19.96
N PHE A 103 -28.27 -3.68 -18.78
CA PHE A 103 -28.86 -2.34 -18.70
C PHE A 103 -27.93 -1.32 -19.35
N PRO A 104 -28.47 -0.36 -20.10
CA PRO A 104 -27.63 0.70 -20.65
C PRO A 104 -27.15 1.64 -19.56
N THR A 105 -26.07 2.37 -19.88
CA THR A 105 -25.51 3.35 -18.97
C THR A 105 -26.05 4.74 -19.27
N ILE A 106 -26.09 5.57 -18.23
CA ILE A 106 -26.51 6.96 -18.38
C ILE A 106 -25.46 7.95 -17.91
N SER A 107 -24.46 7.53 -17.14
CA SER A 107 -23.38 8.41 -16.72
C SER A 107 -22.12 7.58 -16.49
N ALA A 108 -20.98 8.25 -16.56
CA ALA A 108 -19.70 7.63 -16.31
C ALA A 108 -18.76 8.68 -15.75
N ASP A 109 -17.88 8.24 -14.85
CA ASP A 109 -16.95 9.16 -14.20
C ASP A 109 -15.74 8.37 -13.71
N TYR A 110 -14.75 9.09 -13.18
CA TYR A 110 -13.65 8.44 -12.49
C TYR A 110 -14.08 8.02 -11.09
N SER A 111 -13.34 7.07 -10.53
CA SER A 111 -13.52 6.73 -9.13
C SER A 111 -13.10 7.92 -8.26
N GLN A 112 -13.76 8.04 -7.11
CA GLN A 112 -13.51 9.20 -6.25
C GLN A 112 -12.07 9.22 -5.74
N ASP A 113 -11.52 8.05 -5.43
CA ASP A 113 -10.15 7.97 -4.93
C ASP A 113 -9.11 8.29 -6.00
N GLU A 114 -9.50 8.29 -7.27
CA GLU A 114 -8.58 8.64 -8.35
C GLU A 114 -8.77 10.05 -8.88
N LYS A 115 -9.91 10.68 -8.62
CA LYS A 115 -10.06 12.10 -8.89
C LYS A 115 -9.06 12.92 -8.09
N ALA A 116 -8.54 12.37 -6.99
CA ALA A 116 -7.55 13.07 -6.19
C ALA A 116 -6.21 13.15 -6.90
N LEU A 117 -5.77 12.06 -7.54
CA LEU A 117 -4.48 12.01 -8.20
C LEU A 117 -4.46 12.74 -9.55
N LEU A 118 -5.40 13.64 -9.77
CA LEU A 118 -5.43 14.55 -10.92
C LEU A 118 -5.15 15.95 -10.37
N GLY A 119 -3.87 16.34 -10.29
CA GLY A 119 -2.75 15.61 -10.86
C GLY A 119 -1.91 16.60 -11.66
N ALA A 120 -0.82 17.18 -11.13
CA ALA A 120 -0.10 16.83 -9.89
C ALA A 120 0.29 15.36 -9.90
N CYS A 121 1.23 15.02 -10.78
CA CYS A 121 1.62 13.63 -11.00
C CYS A 121 2.77 13.25 -10.07
N ASP A 122 2.52 12.26 -9.21
CA ASP A 122 3.54 11.70 -8.32
C ASP A 122 3.46 10.19 -8.47
N CYS A 123 4.57 9.57 -8.88
CA CYS A 123 4.55 8.13 -9.16
C CYS A 123 4.45 7.29 -7.89
N THR A 124 4.71 7.88 -6.72
CA THR A 124 4.58 7.12 -5.47
C THR A 124 3.14 6.69 -5.24
N GLN A 125 2.20 7.61 -5.40
CA GLN A 125 0.78 7.32 -5.19
C GLN A 125 0.11 6.69 -6.41
N ILE A 126 0.87 6.35 -7.45
CA ILE A 126 0.33 5.77 -8.67
C ILE A 126 0.68 4.30 -8.79
N VAL A 127 1.89 3.91 -8.38
CA VAL A 127 2.35 2.53 -8.51
C VAL A 127 2.05 1.79 -7.21
N LYS A 128 1.11 2.31 -6.42
CA LYS A 128 0.69 1.65 -5.20
C LYS A 128 0.15 0.25 -5.48
N SER A 130 -1.61 -2.85 -6.38
CA SER A 130 -2.98 -3.24 -6.10
C SER A 130 -3.97 -2.20 -6.64
N GLY A 131 -3.43 -1.12 -7.21
CA GLY A 131 -4.25 -0.06 -7.75
C GLY A 131 -4.60 -0.27 -9.20
N VAL A 132 -5.90 -0.20 -9.50
CA VAL A 132 -6.41 -0.27 -10.87
C VAL A 132 -6.78 1.15 -11.24
N HIS A 133 -5.87 1.86 -11.91
CA HIS A 133 -6.08 3.28 -12.20
C HIS A 133 -6.96 3.54 -13.42
N LEU A 134 -7.20 2.55 -14.27
CA LEU A 134 -8.03 2.74 -15.44
C LEU A 134 -9.48 2.31 -15.22
N LYS A 135 -9.83 1.95 -13.98
CA LYS A 135 -11.20 1.62 -13.64
C LYS A 135 -12.09 2.87 -13.64
N LEU A 136 -13.37 2.65 -13.92
CA LEU A 136 -14.36 3.72 -13.97
C LEU A 136 -15.62 3.27 -13.25
N VAL A 137 -16.38 4.25 -12.76
CA VAL A 137 -17.68 4.00 -12.15
C VAL A 137 -18.76 4.29 -13.18
N LEU A 138 -19.58 3.29 -13.47
CA LEU A 138 -20.68 3.43 -14.42
C LEU A 138 -22.00 3.51 -13.67
N ARG A 139 -22.93 4.29 -14.23
CA ARG A 139 -24.28 4.39 -13.70
C ARG A 139 -25.26 3.88 -14.75
N PHE A 140 -26.19 3.03 -14.34
CA PHE A 140 -27.13 2.40 -15.25
C PHE A 140 -28.45 3.17 -15.28
N SER A 141 -29.32 2.76 -16.20
CA SER A 141 -30.59 3.44 -16.41
C SER A 141 -31.51 3.33 -15.19
N ASP A 142 -31.31 2.33 -14.34
CA ASP A 142 -32.06 2.21 -13.09
C ASP A 142 -31.39 2.94 -11.94
N PHE A 143 -30.44 3.82 -12.24
CA PHE A 143 -29.69 4.66 -11.30
C PHE A 143 -28.68 3.87 -10.48
N GLY A 144 -28.51 2.58 -10.73
CA GLY A 144 -27.51 1.81 -10.02
C GLY A 144 -26.11 2.08 -10.52
N LYS A 145 -25.13 1.83 -9.65
CA LYS A 145 -23.73 2.11 -9.95
C LYS A 145 -22.90 0.84 -9.82
N ALA A 146 -21.95 0.67 -10.73
CA ALA A 146 -21.04 -0.47 -10.69
C ALA A 146 -19.63 0.02 -11.02
N MET A 147 -18.64 -0.62 -10.39
CA MET A 147 -17.25 -0.35 -10.66
C MET A 147 -16.79 -1.17 -11.86
N PHE A 148 -16.43 -0.50 -12.95
CA PHE A 148 -15.96 -1.18 -14.15
C PHE A 148 -14.44 -1.24 -14.13
N LYS A 149 -13.91 -2.45 -14.03
CA LYS A 149 -12.46 -2.67 -14.12
C LYS A 149 -12.15 -3.31 -15.46
N PRO A 150 -11.54 -2.58 -16.40
CA PRO A 150 -11.28 -3.16 -17.72
C PRO A 150 -10.16 -4.19 -17.67
N MET A 151 -10.21 -5.10 -18.64
CA MET A 151 -9.16 -6.11 -18.78
C MET A 151 -7.81 -5.45 -19.02
N ARG A 152 -6.77 -6.01 -18.40
CA ARG A 152 -5.40 -5.58 -18.67
C ARG A 152 -5.01 -5.98 -20.09
N GLN A 153 -4.65 -4.99 -20.91
CA GLN A 153 -4.34 -5.23 -22.32
C GLN A 153 -2.88 -5.01 -22.67
N GLN A 154 -2.23 -4.01 -22.06
CA GLN A 154 -0.86 -3.68 -22.44
C GLN A 154 0.11 -4.73 -21.93
N ARG A 155 1.01 -5.18 -22.79
CA ARG A 155 2.10 -6.05 -22.36
C ARG A 155 3.08 -5.24 -21.51
N ASP A 156 3.91 -5.95 -20.75
CA ASP A 156 4.82 -5.27 -19.84
C ASP A 156 5.93 -4.52 -20.56
N GLU A 157 6.16 -4.79 -21.85
CA GLU A 157 7.09 -3.96 -22.62
C GLU A 157 6.56 -2.54 -22.76
N GLU A 158 5.25 -2.37 -22.78
CA GLU A 158 4.64 -1.05 -22.79
C GLU A 158 4.61 -0.40 -21.42
N THR A 159 4.92 -1.15 -20.36
CA THR A 159 4.89 -0.66 -18.98
C THR A 159 6.24 -0.96 -18.35
N PRO A 160 7.27 -0.19 -18.69
CA PRO A 160 8.64 -0.54 -18.26
C PRO A 160 8.81 -0.64 -16.75
N VAL A 161 8.01 0.09 -15.98
CA VAL A 161 8.16 0.07 -14.53
C VAL A 161 7.53 -1.17 -13.89
N ASP A 162 6.53 -1.76 -14.55
CA ASP A 162 5.84 -2.91 -13.96
C ASP A 162 6.72 -4.15 -13.97
N PHE A 163 6.73 -4.87 -12.85
CA PHE A 163 7.41 -6.15 -12.74
C PHE A 163 6.44 -7.25 -13.13
N PHE A 164 6.88 -8.11 -14.07
CA PHE A 164 5.99 -9.07 -14.74
C PHE A 164 5.12 -9.86 -13.75
N TYR A 165 5.75 -10.49 -12.76
CA TYR A 165 5.04 -11.39 -11.86
C TYR A 165 4.16 -10.66 -10.84
N PHE A 166 4.05 -9.34 -10.93
CA PHE A 166 3.13 -8.58 -10.09
C PHE A 166 1.98 -8.00 -10.89
N ILE A 167 1.96 -8.19 -12.21
CA ILE A 167 0.94 -7.59 -13.06
C ILE A 167 -0.37 -8.35 -12.90
N ASP A 168 -1.47 -7.59 -12.77
CA ASP A 168 -2.81 -8.16 -12.59
C ASP A 168 -3.42 -8.48 -13.95
N PHE A 169 -2.82 -9.46 -14.63
CA PHE A 169 -3.35 -9.90 -15.91
C PHE A 169 -4.74 -10.51 -15.77
N GLN A 170 -4.95 -11.26 -14.69
CA GLN A 170 -6.22 -11.94 -14.43
C GLN A 170 -7.22 -11.06 -13.70
N ARG A 171 -7.02 -9.75 -13.73
CA ARG A 171 -7.71 -8.83 -12.82
C ARG A 171 -9.23 -8.92 -12.97
N HIS A 172 -9.74 -8.79 -14.19
CA HIS A 172 -11.19 -8.76 -14.37
C HIS A 172 -11.81 -10.14 -14.15
N ASN A 173 -11.12 -11.20 -14.59
CA ASN A 173 -11.59 -12.56 -14.32
C ASN A 173 -11.60 -12.86 -12.82
N ALA A 174 -10.67 -12.29 -12.07
CA ALA A 174 -10.56 -12.60 -10.64
C ALA A 174 -11.73 -12.02 -9.87
N GLU A 175 -12.15 -10.79 -10.20
CA GLU A 175 -13.31 -10.20 -9.54
C GLU A 175 -14.56 -11.03 -9.79
N ILE A 176 -14.75 -11.50 -11.03
CA ILE A 176 -15.92 -12.32 -11.35
C ILE A 176 -15.85 -13.64 -10.59
N ALA A 177 -14.74 -14.37 -10.73
CA ALA A 177 -14.63 -15.69 -10.14
C ALA A 177 -14.66 -15.64 -8.63
N ALA A 178 -14.21 -14.54 -8.02
CA ALA A 178 -14.26 -14.44 -6.57
C ALA A 178 -15.69 -14.35 -6.05
N PHE A 179 -16.59 -13.71 -6.82
CA PHE A 179 -17.98 -13.66 -6.40
C PHE A 179 -18.64 -15.03 -6.52
N HIS A 180 -18.39 -15.74 -7.63
CA HIS A 180 -19.01 -17.05 -7.81
C HIS A 180 -18.54 -18.02 -6.74
N LEU A 181 -17.25 -17.97 -6.38
CA LEU A 181 -16.76 -18.82 -5.30
C LEU A 181 -17.36 -18.40 -3.97
N ASP A 182 -17.55 -17.10 -3.76
CA ASP A 182 -18.19 -16.62 -2.54
C ASP A 182 -19.61 -17.16 -2.40
N ARG A 183 -20.36 -17.18 -3.50
CA ARG A 183 -21.73 -17.72 -3.47
C ARG A 183 -21.72 -19.23 -3.27
N ILE A 184 -20.82 -19.94 -3.96
CA ILE A 184 -20.76 -21.39 -3.83
C ILE A 184 -20.34 -21.79 -2.41
N LEU A 185 -19.40 -21.07 -1.82
CA LEU A 185 -19.02 -21.33 -0.44
C LEU A 185 -20.10 -20.93 0.55
N ASP A 186 -21.09 -20.16 0.11
CA ASP A 186 -22.13 -19.60 0.98
C ASP A 186 -21.55 -18.68 2.04
N PHE A 187 -20.42 -18.03 1.73
CA PHE A 187 -19.95 -16.95 2.58
C PHE A 187 -20.81 -15.70 2.41
N ARG A 188 -21.19 -15.39 1.16
CA ARG A 188 -22.09 -14.28 0.87
C ARG A 188 -21.54 -12.96 1.41
N ARG A 189 -20.27 -12.71 1.08
CA ARG A 189 -19.53 -11.57 1.63
C ARG A 189 -18.84 -10.69 0.59
N VAL A 190 -18.97 -10.99 -0.70
CA VAL A 190 -18.39 -10.10 -1.72
C VAL A 190 -19.52 -9.57 -2.61
N PRO A 191 -19.39 -8.36 -3.14
CA PRO A 191 -20.49 -7.78 -3.92
C PRO A 191 -20.69 -8.55 -5.22
N PRO A 192 -21.93 -8.64 -5.70
CA PRO A 192 -22.18 -9.32 -6.98
C PRO A 192 -21.39 -8.68 -8.11
N THR A 193 -20.84 -9.54 -8.98
CA THR A 193 -19.91 -9.11 -10.02
C THR A 193 -20.16 -9.90 -11.28
N VAL A 194 -20.23 -9.19 -12.42
CA VAL A 194 -20.43 -9.82 -13.72
C VAL A 194 -19.36 -9.31 -14.67
N GLY A 195 -19.13 -10.10 -15.72
CA GLY A 195 -18.36 -9.64 -16.85
C GLY A 195 -19.28 -8.98 -17.88
N ARG A 196 -18.71 -8.05 -18.65
CA ARG A 196 -19.49 -7.35 -19.65
C ARG A 196 -18.57 -6.87 -20.75
N ILE A 197 -19.02 -7.02 -21.99
CA ILE A 197 -18.32 -6.48 -23.15
C ILE A 197 -18.91 -5.11 -23.42
N VAL A 198 -18.11 -4.06 -23.21
CA VAL A 198 -18.58 -2.69 -23.14
C VAL A 198 -18.16 -1.94 -24.40
N ASN A 199 -19.11 -1.26 -25.02
CA ASN A 199 -18.83 -0.31 -26.09
C ASN A 199 -18.34 0.98 -25.44
N VAL A 200 -17.01 1.17 -25.44
CA VAL A 200 -16.44 2.31 -24.73
C VAL A 200 -16.87 3.63 -25.35
N THR A 201 -17.19 3.62 -26.65
CA THR A 201 -17.67 4.84 -27.30
C THR A 201 -19.10 5.17 -26.87
N LYS A 202 -20.00 4.21 -27.01
CA LYS A 202 -21.42 4.47 -26.76
C LYS A 202 -21.73 4.57 -25.28
N GLU A 203 -21.11 3.71 -24.47
CA GLU A 203 -21.52 3.53 -23.08
C GLU A 203 -20.61 4.22 -22.08
N ILE A 204 -19.56 4.91 -22.53
CA ILE A 204 -18.67 5.62 -21.60
C ILE A 204 -18.41 7.03 -22.10
N LEU A 205 -17.84 7.14 -23.32
CA LEU A 205 -17.45 8.46 -23.82
C LEU A 205 -18.65 9.36 -24.05
N GLU A 206 -19.73 8.82 -24.60
CA GLU A 206 -20.89 9.62 -24.98
C GLU A 206 -21.87 9.86 -23.84
N VAL A 207 -21.62 9.30 -22.65
CA VAL A 207 -22.52 9.48 -21.52
C VAL A 207 -21.89 10.23 -20.36
N THR A 208 -20.57 10.44 -20.36
CA THR A 208 -19.91 11.09 -19.25
C THR A 208 -20.05 12.61 -19.33
N LYS A 209 -20.19 13.24 -18.16
CA LYS A 209 -20.17 14.69 -18.05
C LYS A 209 -18.82 15.22 -17.60
N ASN A 210 -17.83 14.35 -17.41
CA ASN A 210 -16.51 14.73 -16.93
C ASN A 210 -15.65 15.10 -18.13
N GLU A 211 -15.30 16.39 -18.22
CA GLU A 211 -14.56 16.87 -19.38
C GLU A 211 -13.15 16.28 -19.44
N ILE A 212 -12.55 15.98 -18.29
CA ILE A 212 -11.23 15.36 -18.30
C ILE A 212 -11.29 13.97 -18.91
N LEU A 213 -12.30 13.17 -18.51
CA LEU A 213 -12.46 11.85 -19.10
C LEU A 213 -12.78 11.93 -20.58
N GLN A 214 -13.51 12.95 -21.01
CA GLN A 214 -13.78 13.14 -22.43
C GLN A 214 -12.48 13.38 -23.20
N SER A 215 -11.57 14.18 -22.62
CA SER A 215 -10.37 14.59 -23.34
C SER A 215 -9.34 13.48 -23.45
N VAL A 216 -9.40 12.45 -22.59
CA VAL A 216 -8.40 11.39 -22.63
C VAL A 216 -8.75 10.28 -23.62
N PHE A 217 -9.90 10.36 -24.28
CA PHE A 217 -10.24 9.41 -25.33
C PHE A 217 -9.58 9.82 -26.64
N PHE A 218 -9.10 8.83 -27.38
CA PHE A 218 -8.41 9.07 -28.63
C PHE A 218 -8.55 7.85 -29.53
N VAL A 219 -8.19 8.02 -30.80
CA VAL A 219 -8.26 6.94 -31.78
C VAL A 219 -6.85 6.40 -31.98
N SER A 220 -6.71 5.08 -31.83
CA SER A 220 -5.41 4.45 -31.98
C SER A 220 -4.92 4.54 -33.42
N PRO A 221 -3.61 4.54 -33.64
CA PRO A 221 -3.09 4.43 -35.01
C PRO A 221 -3.56 3.17 -35.72
N ALA A 222 -3.92 2.13 -34.98
CA ALA A 222 -4.52 0.93 -35.55
C ALA A 222 -6.04 1.03 -35.67
N SER A 223 -6.57 2.25 -35.60
CA SER A 223 -7.99 2.54 -35.80
C SER A 223 -8.88 1.98 -34.69
N ASN A 224 -8.34 1.88 -33.48
CA ASN A 224 -9.11 1.47 -32.31
C ASN A 224 -9.41 2.69 -31.42
N VAL A 225 -10.53 2.61 -30.71
CA VAL A 225 -10.93 3.66 -29.78
C VAL A 225 -10.31 3.35 -28.42
N CYS A 226 -9.62 4.34 -27.84
CA CYS A 226 -8.88 4.15 -26.61
C CYS A 226 -9.08 5.35 -25.71
N PHE A 227 -8.88 5.13 -24.41
CA PHE A 227 -8.68 6.22 -23.47
C PHE A 227 -7.48 5.88 -22.59
N PHE A 228 -6.83 6.91 -22.06
CA PHE A 228 -5.57 6.71 -21.34
C PHE A 228 -5.58 7.55 -20.07
N ALA A 229 -4.63 7.23 -19.19
CA ALA A 229 -4.39 7.97 -17.96
C ALA A 229 -3.03 8.65 -18.08
N LYS A 230 -3.00 9.97 -17.91
CA LYS A 230 -1.80 10.74 -18.22
C LYS A 230 -0.67 10.47 -17.23
N CYS A 231 -0.97 10.51 -15.93
CA CYS A 231 0.07 10.33 -14.93
C CYS A 231 0.66 8.92 -14.94
N PRO A 232 -0.16 7.86 -15.04
CA PRO A 232 0.45 6.52 -15.23
C PRO A 232 1.33 6.41 -16.46
N TYR A 233 1.02 7.13 -17.54
CA TYR A 233 1.86 7.06 -18.73
C TYR A 233 3.23 7.68 -18.48
N MET A 234 3.28 8.81 -17.77
CA MET A 234 4.57 9.41 -17.44
C MET A 234 5.35 8.54 -16.45
N CYS A 235 4.65 7.81 -15.58
CA CYS A 235 5.31 6.90 -14.65
C CYS A 235 5.67 5.56 -15.27
N LYS A 236 5.38 5.37 -16.56
CA LYS A 236 5.78 4.18 -17.31
C LYS A 236 5.15 2.91 -16.74
N THR A 237 3.91 3.02 -16.29
CA THR A 237 3.11 1.88 -15.87
C THR A 237 1.92 1.75 -16.82
N GLU A 238 0.97 0.87 -16.48
CA GLU A 238 -0.18 0.65 -17.34
C GLU A 238 -1.00 1.93 -17.47
N TYR A 239 -1.25 2.33 -18.71
CA TYR A 239 -1.84 3.65 -18.95
C TYR A 239 -2.94 3.69 -19.99
N ALA A 240 -3.22 2.61 -20.73
CA ALA A 240 -4.23 2.68 -21.77
C ALA A 240 -4.91 1.35 -21.98
N VAL A 241 -6.21 1.40 -22.25
CA VAL A 241 -6.99 0.25 -22.71
C VAL A 241 -7.77 0.70 -23.93
N CYS A 242 -8.08 -0.26 -24.80
CA CYS A 242 -8.70 0.05 -26.09
C CYS A 242 -9.82 -0.93 -26.38
N GLY A 243 -10.88 -0.44 -27.02
CA GLY A 243 -11.81 -1.30 -27.69
C GLY A 243 -11.22 -1.83 -28.98
N LYS A 244 -11.87 -2.83 -29.56
CA LYS A 244 -11.41 -3.45 -30.80
C LYS A 244 -12.57 -3.55 -31.80
N PRO A 245 -12.96 -2.43 -32.42
CA PRO A 245 -12.41 -1.08 -32.18
C PRO A 245 -13.18 -0.34 -31.09
N HIS A 246 -14.36 -0.83 -30.75
CA HIS A 246 -15.21 -0.22 -29.73
C HIS A 246 -15.41 -1.07 -28.49
N LEU A 247 -15.40 -2.40 -28.63
CA LEU A 247 -15.79 -3.29 -27.54
C LEU A 247 -14.59 -3.64 -26.68
N LEU A 248 -14.77 -3.53 -25.36
CA LEU A 248 -13.73 -3.83 -24.38
C LEU A 248 -14.36 -4.62 -23.25
N GLU A 249 -13.79 -5.78 -22.94
CA GLU A 249 -14.31 -6.62 -21.88
C GLU A 249 -13.70 -6.23 -20.54
N GLY A 250 -14.52 -6.35 -19.49
CA GLY A 250 -14.09 -6.01 -18.15
C GLY A 250 -15.05 -6.58 -17.13
N SER A 251 -14.80 -6.27 -15.87
CA SER A 251 -15.62 -6.72 -14.77
C SER A 251 -16.43 -5.57 -14.21
N LEU A 252 -17.67 -5.86 -13.80
CA LEU A 252 -18.57 -4.88 -13.20
C LEU A 252 -18.94 -5.37 -11.81
N SER A 253 -18.64 -4.56 -10.81
CA SER A 253 -18.88 -4.92 -9.41
C SER A 253 -19.90 -3.96 -8.82
N ALA A 254 -20.95 -4.51 -8.23
CA ALA A 254 -22.06 -3.69 -7.74
C ALA A 254 -21.63 -2.84 -6.56
N PHE A 255 -22.04 -1.58 -6.57
CA PHE A 255 -21.70 -0.67 -5.49
C PHE A 255 -22.45 -1.03 -4.21
N LEU A 256 -21.74 -0.94 -3.08
CA LEU A 256 -22.37 -1.02 -1.78
C LEU A 256 -23.08 0.30 -1.49
N PRO A 257 -23.91 0.37 -0.45
CA PRO A 257 -24.58 1.63 -0.13
C PRO A 257 -23.57 2.72 0.19
N SER A 258 -23.96 3.97 -0.10
CA SER A 258 -23.11 5.12 0.15
C SER A 258 -22.68 5.15 1.62
N LEU A 259 -21.43 5.58 1.84
CA LEU A 259 -20.89 5.64 3.20
C LEU A 259 -21.68 6.59 4.09
N ASN A 260 -22.46 7.49 3.50
CA ASN A 260 -23.39 8.29 4.29
C ASN A 260 -24.44 7.42 4.96
N LEU A 261 -24.92 6.39 4.25
CA LEU A 261 -25.95 5.52 4.78
C LEU A 261 -25.36 4.40 5.65
N ALA A 262 -24.19 3.89 5.30
CA ALA A 262 -23.58 2.76 6.00
C ALA A 262 -22.08 2.95 6.05
N PRO A 263 -21.57 3.55 7.13
CA PRO A 263 -20.11 3.77 7.23
C PRO A 263 -19.36 2.46 7.39
N ARG A 264 -18.12 2.45 6.91
CA ARG A 264 -17.27 1.28 6.95
C ARG A 264 -15.93 1.61 7.59
N LEU A 265 -15.36 0.62 8.26
CA LEU A 265 -14.02 0.69 8.83
C LEU A 265 -13.08 -0.23 8.07
N SER A 266 -11.82 0.19 7.98
CA SER A 266 -10.76 -0.66 7.43
C SER A 266 -9.88 -1.14 8.55
N VAL A 267 -9.63 -2.44 8.60
CA VAL A 267 -8.90 -3.06 9.70
C VAL A 267 -7.70 -3.82 9.15
N PRO A 268 -6.50 -3.64 9.70
CA PRO A 268 -5.34 -4.36 9.19
C PRO A 268 -5.42 -5.85 9.47
N ASN A 269 -4.94 -6.64 8.50
CA ASN A 269 -4.89 -8.09 8.60
C ASN A 269 -3.64 -8.50 9.39
N PRO A 270 -3.79 -9.02 10.61
CA PRO A 270 -2.61 -9.37 11.42
C PRO A 270 -1.74 -10.46 10.81
N TRP A 271 -2.21 -11.17 9.79
CA TRP A 271 -1.46 -12.23 9.15
C TRP A 271 -1.06 -11.89 7.72
N ILE A 272 -1.09 -10.60 7.36
CA ILE A 272 -0.71 -10.20 6.01
C ILE A 272 0.75 -10.56 5.72
N ARG A 273 1.58 -10.63 6.77
CA ARG A 273 2.98 -10.97 6.61
C ARG A 273 3.31 -12.22 7.41
N SER A 274 4.24 -13.01 6.89
CA SER A 274 4.81 -14.13 7.61
C SER A 274 6.20 -13.74 8.13
N TYR A 275 6.68 -14.52 9.09
CA TYR A 275 7.95 -14.22 9.74
C TYR A 275 8.78 -15.48 9.87
N THR A 276 10.09 -15.35 9.71
CA THR A 276 11.01 -16.47 9.83
C THR A 276 11.35 -16.67 11.30
N LEU A 277 10.74 -17.70 11.90
CA LEU A 277 11.00 -18.03 13.29
C LEU A 277 12.37 -18.71 13.42
N ALA A 278 12.94 -18.63 14.62
CA ALA A 278 14.23 -19.26 14.86
C ALA A 278 14.13 -20.75 14.61
N GLY A 279 14.93 -21.23 13.65
CA GLY A 279 14.86 -22.59 13.14
C GLY A 279 14.76 -23.68 14.19
N LYS A 280 14.03 -24.75 13.87
CA LYS A 280 13.34 -24.87 12.59
C LYS A 280 11.84 -25.06 12.76
N GLU A 281 11.24 -24.24 13.62
CA GLU A 281 9.80 -24.27 13.80
C GLU A 281 9.15 -23.37 12.75
N GLU A 282 8.20 -23.92 12.01
CA GLU A 282 7.59 -23.20 10.91
C GLU A 282 6.55 -22.19 11.39
N TRP A 283 6.45 -21.08 10.65
CA TRP A 283 5.60 -19.96 11.05
C TRP A 283 4.13 -20.35 11.06
N GLU A 284 3.65 -20.98 9.99
CA GLU A 284 2.23 -21.30 9.90
C GLU A 284 1.79 -22.34 10.93
N VAL A 285 2.71 -23.16 11.42
CA VAL A 285 2.36 -24.20 12.38
C VAL A 285 2.54 -23.77 13.83
N ASN A 286 3.38 -22.77 14.09
CA ASN A 286 3.68 -22.36 15.46
C ASN A 286 2.52 -21.55 16.02
N PRO A 287 1.96 -21.93 17.16
CA PRO A 287 0.76 -21.26 17.69
C PRO A 287 1.02 -20.03 18.55
N LEU A 288 2.28 -19.69 18.83
CA LEU A 288 2.57 -18.60 19.75
C LEU A 288 1.98 -17.28 19.28
N TYR A 289 2.07 -16.99 17.97
CA TYR A 289 1.56 -15.73 17.46
C TYR A 289 0.05 -15.60 17.68
N CYS A 290 -0.72 -16.62 17.28
CA CYS A 290 -2.16 -16.54 17.48
C CYS A 290 -2.53 -16.60 18.96
N ASP A 291 -1.74 -17.29 19.78
CA ASP A 291 -1.95 -17.23 21.23
C ASP A 291 -1.91 -15.80 21.73
N THR A 292 -1.06 -14.97 21.14
CA THR A 292 -0.99 -13.57 21.51
C THR A 292 -2.15 -12.76 20.91
N VAL A 293 -2.46 -12.99 19.64
CA VAL A 293 -3.55 -12.27 18.99
C VAL A 293 -4.88 -12.55 19.67
N LYS A 294 -5.07 -13.79 20.14
CA LYS A 294 -6.29 -14.14 20.86
C LYS A 294 -6.50 -13.28 22.10
N GLN A 295 -5.44 -12.70 22.66
CA GLN A 295 -5.53 -11.85 23.83
C GLN A 295 -5.58 -10.37 23.48
N ILE A 296 -5.70 -10.04 22.20
CA ILE A 296 -5.70 -8.65 21.74
C ILE A 296 -7.08 -8.34 21.17
N TYR A 297 -7.72 -7.31 21.70
CA TYR A 297 -8.98 -6.82 21.15
C TYR A 297 -8.78 -6.39 19.70
N PRO A 298 -9.74 -6.66 18.80
CA PRO A 298 -11.04 -7.32 19.06
C PRO A 298 -11.03 -8.82 18.80
N TYR A 299 -9.85 -9.42 18.71
CA TYR A 299 -9.74 -10.84 18.44
C TYR A 299 -9.94 -11.71 19.67
N ASN A 300 -10.27 -11.11 20.82
CA ASN A 300 -10.51 -11.88 22.02
C ASN A 300 -11.90 -12.54 22.00
N ASN A 301 -12.86 -11.98 21.26
CA ASN A 301 -14.15 -12.62 21.08
C ASN A 301 -14.09 -13.63 19.93
N SER A 302 -14.92 -14.66 20.02
CA SER A 302 -14.80 -15.81 19.13
C SER A 302 -15.13 -15.46 17.68
N GLN A 303 -16.19 -14.67 17.45
CA GLN A 303 -16.69 -14.49 16.10
C GLN A 303 -15.67 -13.80 15.20
N ARG A 304 -14.97 -12.78 15.72
CA ARG A 304 -14.05 -12.00 14.90
C ARG A 304 -12.92 -12.87 14.38
N LEU A 305 -12.33 -13.70 15.24
CA LEU A 305 -11.23 -14.56 14.81
C LEU A 305 -11.72 -15.63 13.83
N LEU A 306 -12.92 -16.18 14.07
CA LEU A 306 -13.48 -17.15 13.13
C LEU A 306 -13.80 -16.50 11.80
N ASN A 307 -14.22 -15.23 11.80
CA ASN A 307 -14.47 -14.53 10.55
C ASN A 307 -13.19 -14.30 9.77
N VAL A 308 -12.09 -13.98 10.47
CA VAL A 308 -10.80 -13.82 9.80
C VAL A 308 -10.33 -15.16 9.23
N ILE A 309 -10.55 -16.25 9.96
CA ILE A 309 -10.16 -17.57 9.47
C ILE A 309 -10.97 -17.94 8.23
N ASP A 310 -12.25 -17.56 8.18
CA ASP A 310 -13.02 -17.72 6.95
C ASP A 310 -12.36 -16.95 5.80
N MET A 311 -11.97 -15.70 6.06
CA MET A 311 -11.37 -14.88 5.03
C MET A 311 -10.05 -15.45 4.54
N ALA A 312 -9.28 -16.08 5.43
CA ALA A 312 -8.01 -16.66 5.03
C ALA A 312 -8.22 -17.91 4.18
N ILE A 313 -9.24 -18.71 4.50
CA ILE A 313 -9.60 -19.85 3.68
C ILE A 313 -9.97 -19.39 2.27
N PHE A 314 -10.82 -18.37 2.18
CA PHE A 314 -11.20 -17.80 0.89
C PHE A 314 -9.96 -17.31 0.13
N ASP A 315 -9.10 -16.54 0.80
CA ASP A 315 -7.92 -16.00 0.13
C ASP A 315 -6.96 -17.10 -0.30
N PHE A 316 -6.84 -18.15 0.51
CA PHE A 316 -5.98 -19.28 0.13
C PHE A 316 -6.52 -19.97 -1.11
N LEU A 317 -7.84 -20.17 -1.19
CA LEU A 317 -8.43 -20.85 -2.34
C LEU A 317 -8.16 -20.10 -3.64
N ILE A 318 -8.23 -18.76 -3.61
CA ILE A 318 -7.97 -17.95 -4.79
C ILE A 318 -6.54 -17.45 -4.88
N GLY A 319 -5.69 -17.80 -3.90
CA GLY A 319 -4.31 -17.38 -3.91
C GLY A 319 -4.11 -15.87 -3.87
N ASN A 320 -4.77 -15.21 -2.92
CA ASN A 320 -4.70 -13.76 -2.78
C ASN A 320 -3.78 -13.42 -1.62
N MET A 321 -2.57 -12.96 -1.94
CA MET A 321 -1.59 -12.55 -0.94
C MET A 321 -1.71 -11.08 -0.57
N ASP A 322 -2.71 -10.37 -1.07
CA ASP A 322 -2.77 -8.92 -0.97
C ASP A 322 -3.94 -8.43 -0.13
N ARG A 323 -4.40 -9.23 0.83
CA ARG A 323 -5.45 -8.78 1.73
C ARG A 323 -4.82 -8.07 2.93
N HIS A 324 -4.29 -6.87 2.63
CA HIS A 324 -3.66 -6.07 3.67
C HIS A 324 -4.66 -5.57 4.69
N HIS A 325 -5.91 -5.35 4.28
CA HIS A 325 -6.95 -4.86 5.17
C HIS A 325 -8.28 -5.51 4.80
N TYR A 326 -9.17 -5.60 5.78
CA TYR A 326 -10.55 -6.01 5.56
C TYR A 326 -11.48 -4.92 6.08
N GLU A 327 -12.71 -4.94 5.56
CA GLU A 327 -13.67 -3.90 5.88
C GLU A 327 -14.89 -4.49 6.57
N MET A 328 -15.55 -3.65 7.38
CA MET A 328 -16.73 -4.03 8.13
C MET A 328 -17.72 -2.88 8.11
N PHE A 329 -19.00 -3.20 8.28
CA PHE A 329 -20.02 -2.18 8.46
C PHE A 329 -20.05 -1.73 9.92
N THR A 330 -20.10 -0.42 10.12
CA THR A 330 -20.15 0.13 11.48
C THR A 330 -21.36 -0.38 12.26
N LYS A 331 -22.51 -0.49 11.59
CA LYS A 331 -23.75 -0.79 12.29
C LYS A 331 -23.72 -2.13 13.00
N PHE A 332 -23.03 -3.12 12.44
CA PHE A 332 -23.03 -4.44 13.03
C PHE A 332 -21.97 -4.61 14.10
N GLY A 333 -21.20 -3.57 14.39
CA GLY A 333 -20.22 -3.57 15.46
C GLY A 333 -19.21 -4.70 15.29
N ASP A 334 -18.57 -5.05 16.40
CA ASP A 334 -17.69 -6.21 16.38
C ASP A 334 -18.52 -7.46 16.16
N ASP A 335 -17.83 -8.57 15.84
CA ASP A 335 -18.45 -9.85 15.53
C ASP A 335 -19.25 -9.78 14.22
N GLY A 336 -19.42 -8.59 13.67
CA GLY A 336 -20.05 -8.46 12.37
C GLY A 336 -19.24 -9.15 11.30
N PHE A 337 -19.91 -9.48 10.19
CA PHE A 337 -19.20 -10.19 9.14
C PHE A 337 -18.21 -9.26 8.44
N LEU A 338 -17.21 -9.87 7.83
CA LEU A 338 -16.17 -9.13 7.10
C LEU A 338 -16.52 -9.08 5.62
N ILE A 339 -16.36 -7.91 5.02
CA ILE A 339 -16.63 -7.72 3.60
C ILE A 339 -15.37 -8.05 2.82
N HIS A 340 -15.49 -8.94 1.83
CA HIS A 340 -14.35 -9.36 1.02
C HIS A 340 -14.36 -8.57 -0.28
N LEU A 341 -13.86 -7.35 -0.21
CA LEU A 341 -13.80 -6.46 -1.37
C LEU A 341 -12.47 -6.61 -2.12
N ASP A 342 -12.49 -6.19 -3.38
CA ASP A 342 -11.31 -6.01 -4.21
C ASP A 342 -10.45 -7.28 -4.24
N ASN A 343 -10.96 -8.28 -4.95
CA ASN A 343 -10.28 -9.55 -5.11
C ASN A 343 -9.53 -9.65 -6.43
N ALA A 344 -9.16 -8.51 -7.02
CA ALA A 344 -8.50 -8.51 -8.32
C ALA A 344 -7.14 -9.19 -8.30
N ARG A 345 -6.54 -9.38 -7.13
CA ARG A 345 -5.22 -9.99 -7.04
C ARG A 345 -5.29 -11.51 -6.91
N GLY A 346 -6.49 -12.09 -6.97
CA GLY A 346 -6.63 -13.53 -6.91
C GLY A 346 -6.50 -14.19 -8.27
N PHE A 347 -6.42 -15.52 -8.24
CA PHE A 347 -6.40 -16.34 -9.46
C PHE A 347 -5.28 -15.90 -10.40
N GLY A 348 -4.11 -15.62 -9.82
CA GLY A 348 -2.97 -15.18 -10.62
C GLY A 348 -1.95 -16.28 -10.82
N ARG A 349 -1.96 -17.28 -9.93
CA ARG A 349 -0.98 -18.35 -9.96
C ARG A 349 -1.73 -19.66 -9.69
N HIS A 350 -2.00 -20.42 -10.76
CA HIS A 350 -2.70 -21.69 -10.59
C HIS A 350 -1.79 -22.81 -10.14
N SER A 351 -0.48 -22.68 -10.33
CA SER A 351 0.47 -23.75 -10.07
C SER A 351 1.25 -23.56 -8.77
N HIS A 352 0.86 -22.59 -7.94
CA HIS A 352 1.52 -22.34 -6.67
C HIS A 352 0.46 -22.11 -5.61
N ASP A 353 0.70 -22.69 -4.43
CA ASP A 353 -0.17 -22.54 -3.28
C ASP A 353 0.62 -21.90 -2.15
N GLU A 354 0.17 -20.73 -1.71
CA GLU A 354 0.84 -19.98 -0.65
C GLU A 354 0.16 -20.33 0.66
N ILE A 355 0.70 -21.34 1.35
CA ILE A 355 0.08 -21.81 2.58
C ILE A 355 0.22 -20.80 3.71
N SER A 356 1.10 -19.81 3.57
CA SER A 356 1.16 -18.75 4.58
C SER A 356 -0.13 -17.95 4.65
N ILE A 357 -0.92 -17.94 3.57
CA ILE A 357 -2.22 -17.31 3.61
C ILE A 357 -3.13 -18.00 4.62
N LEU A 358 -3.00 -19.32 4.72
CA LEU A 358 -3.80 -20.12 5.66
C LEU A 358 -3.33 -20.01 7.10
N SER A 359 -2.31 -19.19 7.37
CA SER A 359 -1.73 -19.12 8.71
C SER A 359 -2.74 -18.90 9.83
N PRO A 360 -3.79 -18.07 9.69
CA PRO A 360 -4.76 -17.98 10.79
C PRO A 360 -5.37 -19.33 11.16
N LEU A 361 -5.66 -20.17 10.17
CA LEU A 361 -6.26 -21.47 10.47
C LEU A 361 -5.24 -22.41 11.08
N SER A 362 -4.03 -22.47 10.50
CA SER A 362 -3.02 -23.41 10.98
C SER A 362 -2.42 -23.03 12.32
N GLN A 363 -2.49 -21.75 12.70
CA GLN A 363 -1.96 -21.32 13.99
C GLN A 363 -3.02 -21.37 15.09
N CYS A 364 -4.21 -20.86 14.82
CA CYS A 364 -5.25 -20.79 15.84
C CYS A 364 -5.95 -22.12 16.03
N CYS A 365 -6.02 -22.93 14.98
CA CYS A 365 -6.60 -24.28 15.03
C CYS A 365 -8.05 -24.24 15.52
N MET A 366 -8.86 -23.40 14.88
CA MET A 366 -10.28 -23.37 15.10
C MET A 366 -10.98 -22.94 13.81
N ILE A 367 -12.20 -23.42 13.63
CA ILE A 367 -12.94 -23.18 12.38
C ILE A 367 -14.43 -23.27 12.69
N LYS A 368 -15.22 -22.54 11.91
CA LYS A 368 -16.66 -22.61 12.04
C LYS A 368 -17.17 -23.98 11.60
N LYS A 369 -18.14 -24.52 12.35
CA LYS A 369 -18.77 -25.77 11.96
C LYS A 369 -19.38 -25.66 10.57
N LYS A 370 -20.13 -24.58 10.33
CA LYS A 370 -20.74 -24.37 9.02
C LYS A 370 -19.68 -24.34 7.92
N THR A 371 -18.60 -23.60 8.13
CA THR A 371 -17.55 -23.49 7.13
C THR A 371 -16.94 -24.85 6.81
N LEU A 372 -16.63 -25.63 7.85
CA LEU A 372 -16.02 -26.94 7.63
C LEU A 372 -16.96 -27.89 6.90
N LEU A 373 -18.26 -27.82 7.21
CA LEU A 373 -19.21 -28.72 6.56
C LEU A 373 -19.35 -28.39 5.07
N HIS A 374 -19.38 -27.10 4.72
CA HIS A 374 -19.45 -26.73 3.31
C HIS A 374 -18.19 -27.17 2.56
N LEU A 375 -17.02 -27.01 3.20
CA LEU A 375 -15.77 -27.44 2.56
C LEU A 375 -15.74 -28.95 2.38
N GLN A 376 -16.19 -29.70 3.41
CA GLN A 376 -16.22 -31.15 3.31
C GLN A 376 -17.14 -31.63 2.19
N LEU A 377 -18.27 -30.94 2.00
CA LEU A 377 -19.19 -31.32 0.93
C LEU A 377 -18.59 -31.00 -0.44
N LEU A 378 -17.92 -29.85 -0.57
CA LEU A 378 -17.35 -29.45 -1.84
C LEU A 378 -16.12 -30.26 -2.22
N ALA A 379 -15.64 -31.14 -1.33
CA ALA A 379 -14.55 -32.04 -1.66
C ALA A 379 -15.04 -33.39 -2.20
N GLN A 380 -16.34 -33.65 -2.12
CA GLN A 380 -16.91 -34.87 -2.65
C GLN A 380 -17.13 -34.75 -4.16
N ALA A 381 -16.99 -35.88 -4.86
CA ALA A 381 -17.07 -35.88 -6.31
C ALA A 381 -18.40 -35.33 -6.81
N ASP A 382 -19.50 -35.64 -6.13
CA ASP A 382 -20.81 -35.20 -6.57
C ASP A 382 -21.00 -33.68 -6.45
N TYR A 383 -20.22 -33.02 -5.61
CA TYR A 383 -20.32 -31.58 -5.43
C TYR A 383 -18.96 -30.92 -5.60
N ARG A 384 -18.13 -31.46 -6.48
CA ARG A 384 -16.74 -31.04 -6.59
C ARG A 384 -16.65 -29.54 -6.86
N LEU A 385 -15.79 -28.87 -6.08
CA LEU A 385 -15.73 -27.41 -6.13
C LEU A 385 -15.38 -26.92 -7.53
N SER A 386 -14.42 -27.57 -8.20
CA SER A 386 -14.06 -27.16 -9.56
C SER A 386 -15.20 -27.38 -10.54
N ASP A 387 -16.01 -28.43 -10.32
CA ASP A 387 -17.13 -28.70 -11.22
C ASP A 387 -18.23 -27.67 -11.04
N VAL A 388 -18.59 -27.36 -9.80
CA VAL A 388 -19.67 -26.40 -9.58
C VAL A 388 -19.21 -24.99 -9.92
N MET A 389 -17.91 -24.69 -9.74
CA MET A 389 -17.39 -23.38 -10.16
C MET A 389 -17.41 -23.23 -11.67
N ARG A 390 -16.91 -24.24 -12.39
CA ARG A 390 -16.95 -24.20 -13.85
C ARG A 390 -18.37 -24.06 -14.36
N GLU A 391 -19.30 -24.79 -13.75
CA GLU A 391 -20.71 -24.70 -14.14
C GLU A 391 -21.27 -23.32 -13.84
N SER A 392 -20.94 -22.76 -12.68
CA SER A 392 -21.47 -21.44 -12.31
C SER A 392 -20.95 -20.35 -13.23
N LEU A 393 -19.67 -20.41 -13.60
CA LEU A 393 -19.07 -19.36 -14.42
C LEU A 393 -19.53 -19.40 -15.88
N LEU A 394 -20.20 -20.47 -16.31
CA LEU A 394 -20.74 -20.51 -17.67
C LEU A 394 -21.85 -19.49 -17.88
N GLU A 395 -22.47 -19.01 -16.81
CA GLU A 395 -23.52 -18.01 -16.92
C GLU A 395 -23.00 -16.65 -17.34
N ASP A 396 -21.70 -16.40 -17.21
CA ASP A 396 -21.14 -15.07 -17.40
C ASP A 396 -20.83 -14.82 -18.87
N GLN A 397 -20.95 -13.55 -19.28
CA GLN A 397 -20.74 -13.19 -20.67
C GLN A 397 -19.30 -13.45 -21.12
N LEU A 398 -18.34 -13.38 -20.19
CA LEU A 398 -16.94 -13.67 -20.47
C LEU A 398 -16.56 -15.10 -20.12
N SER A 399 -17.51 -16.03 -20.25
CA SER A 399 -17.23 -17.45 -20.02
C SER A 399 -16.04 -17.89 -20.87
N PRO A 400 -15.16 -18.77 -20.35
CA PRO A 400 -15.22 -19.47 -19.05
C PRO A 400 -14.71 -18.71 -17.83
N VAL A 401 -14.30 -17.45 -18.00
CA VAL A 401 -13.77 -16.61 -16.91
C VAL A 401 -12.49 -17.20 -16.35
N LEU A 402 -12.55 -18.46 -15.88
CA LEU A 402 -11.39 -19.17 -15.38
C LEU A 402 -11.01 -20.29 -16.34
N THR A 403 -9.74 -20.39 -16.67
CA THR A 403 -9.23 -21.53 -17.40
C THR A 403 -9.23 -22.77 -16.50
N GLU A 404 -8.98 -23.92 -17.12
CA GLU A 404 -8.95 -25.17 -16.37
C GLU A 404 -7.88 -25.21 -15.28
N PRO A 405 -6.65 -24.71 -15.47
CA PRO A 405 -5.67 -24.77 -14.37
C PRO A 405 -6.15 -24.10 -13.10
N HIS A 406 -6.78 -22.92 -13.19
CA HIS A 406 -7.27 -22.24 -12.00
C HIS A 406 -8.40 -23.04 -11.33
N LEU A 407 -9.31 -23.61 -12.13
CA LEU A 407 -10.40 -24.40 -11.56
C LEU A 407 -9.87 -25.62 -10.82
N LEU A 408 -8.92 -26.34 -11.43
CA LEU A 408 -8.38 -27.54 -10.80
C LEU A 408 -7.56 -27.20 -9.55
N ALA A 409 -6.95 -26.02 -9.50
CA ALA A 409 -6.22 -25.62 -8.31
C ALA A 409 -7.15 -25.43 -7.12
N LEU A 410 -8.42 -25.12 -7.37
CA LEU A 410 -9.39 -25.01 -6.28
C LEU A 410 -9.57 -26.33 -5.56
N ASP A 411 -9.59 -27.44 -6.30
CA ASP A 411 -9.72 -28.75 -5.66
C ASP A 411 -8.49 -29.07 -4.82
N ARG A 412 -7.30 -28.73 -5.33
CA ARG A 412 -6.08 -29.04 -4.60
C ARG A 412 -5.95 -28.21 -3.33
N ARG A 413 -6.30 -26.91 -3.40
CA ARG A 413 -6.22 -26.08 -2.21
C ARG A 413 -7.31 -26.42 -1.20
N LEU A 414 -8.46 -26.90 -1.67
CA LEU A 414 -9.49 -27.37 -0.74
C LEU A 414 -9.01 -28.58 0.05
N GLN A 415 -8.36 -29.53 -0.62
CA GLN A 415 -7.81 -30.69 0.07
C GLN A 415 -6.76 -30.27 1.09
N THR A 416 -5.97 -29.24 0.78
CA THR A 416 -4.95 -28.78 1.72
C THR A 416 -5.59 -28.14 2.94
N ILE A 417 -6.69 -27.42 2.76
CA ILE A 417 -7.41 -26.85 3.91
C ILE A 417 -7.92 -27.98 4.81
N LEU A 418 -8.52 -29.01 4.22
CA LEU A 418 -9.07 -30.10 5.00
C LEU A 418 -7.97 -30.90 5.71
N ARG A 419 -6.83 -31.10 5.03
CA ARG A 419 -5.72 -31.77 5.68
C ARG A 419 -5.14 -30.93 6.80
N THR A 420 -5.24 -29.59 6.70
CA THR A 420 -4.83 -28.72 7.79
C THR A 420 -5.75 -28.86 9.00
N VAL A 421 -7.06 -28.94 8.76
CA VAL A 421 -8.01 -29.12 9.85
C VAL A 421 -7.75 -30.44 10.56
N GLU A 422 -7.44 -31.50 9.80
CA GLU A 422 -7.11 -32.79 10.41
C GLU A 422 -5.91 -32.67 11.33
N GLY A 423 -4.89 -31.92 10.93
CA GLY A 423 -3.74 -31.71 11.79
C GLY A 423 -4.10 -31.01 13.08
N CYS A 424 -4.98 -30.00 13.00
CA CYS A 424 -5.43 -29.32 14.21
C CYS A 424 -6.21 -30.26 15.13
N ILE A 425 -7.03 -31.15 14.54
CA ILE A 425 -7.85 -32.04 15.35
C ILE A 425 -6.98 -33.09 16.03
N VAL A 426 -5.95 -33.57 15.34
CA VAL A 426 -5.00 -34.50 15.96
C VAL A 426 -4.34 -33.86 17.17
N ALA A 427 -4.01 -32.57 17.06
CA ALA A 427 -3.30 -31.88 18.13
C ALA A 427 -4.21 -31.44 19.27
N HIS A 428 -5.49 -31.19 19.00
CA HIS A 428 -6.36 -30.58 19.99
C HIS A 428 -7.75 -31.21 20.13
N GLY A 429 -8.13 -32.15 19.26
CA GLY A 429 -9.44 -32.75 19.35
C GLY A 429 -10.52 -31.94 18.66
N GLN A 430 -11.60 -32.62 18.24
CA GLN A 430 -12.66 -31.93 17.49
C GLN A 430 -13.36 -30.89 18.34
N GLN A 431 -13.56 -31.18 19.63
CA GLN A 431 -14.29 -30.25 20.50
C GLN A 431 -13.61 -28.89 20.54
N SER A 432 -12.28 -28.86 20.53
CA SER A 432 -11.56 -27.60 20.58
C SER A 432 -11.54 -26.89 19.22
N VAL A 433 -11.43 -27.66 18.14
CA VAL A 433 -11.24 -27.07 16.81
C VAL A 433 -12.54 -26.56 16.22
N ILE A 434 -13.57 -27.40 16.20
CA ILE A 434 -14.80 -27.11 15.48
C ILE A 434 -15.73 -26.32 16.39
N VAL A 435 -15.87 -25.02 16.13
CA VAL A 435 -16.71 -24.14 16.92
C VAL A 435 -18.11 -24.13 16.32
N ASP A 436 -19.12 -24.12 17.20
CA ASP A 436 -20.52 -24.04 16.80
C ASP A 436 -21.02 -22.61 16.92
N GLY A 437 -22.14 -22.34 16.27
CA GLY A 437 -22.71 -21.01 16.24
C GLY A 437 -23.88 -20.82 17.19
N SER B 1 40.33 6.46 21.58
CA SER B 1 40.00 7.58 20.71
C SER B 1 38.56 7.49 20.23
N SER B 2 38.34 7.78 18.94
CA SER B 2 37.00 7.86 18.37
C SER B 2 36.89 6.90 17.20
N LYS B 3 36.02 5.89 17.35
CA LYS B 3 35.88 4.89 16.28
C LYS B 3 35.21 5.49 15.05
N LEU B 4 34.26 6.40 15.24
CA LEU B 4 33.63 7.07 14.10
C LEU B 4 34.66 7.88 13.31
N GLN B 5 35.55 8.57 14.01
CA GLN B 5 36.63 9.29 13.34
C GLN B 5 37.58 8.33 12.63
N ALA B 6 37.92 7.21 13.28
CA ALA B 6 38.79 6.23 12.65
C ALA B 6 38.17 5.66 11.38
N LEU B 7 36.86 5.45 11.38
CA LEU B 7 36.18 4.87 10.22
C LEU B 7 36.37 5.75 8.99
N PHE B 8 36.06 7.05 9.12
CA PHE B 8 36.15 7.94 7.97
C PHE B 8 37.57 8.39 7.69
N ALA B 9 38.51 8.17 8.61
CA ALA B 9 39.93 8.36 8.33
C ALA B 9 40.58 7.11 7.73
N HIS B 10 39.87 5.98 7.75
CA HIS B 10 40.41 4.74 7.22
C HIS B 10 40.63 4.87 5.72
N PRO B 11 41.67 4.23 5.18
CA PRO B 11 41.91 4.28 3.72
C PRO B 11 40.70 3.87 2.89
N LEU B 12 39.89 2.92 3.37
CA LEU B 12 38.74 2.46 2.60
C LEU B 12 37.76 3.61 2.34
N TYR B 13 37.55 4.47 3.33
CA TYR B 13 36.63 5.60 3.21
C TYR B 13 37.27 6.82 2.56
N ASN B 14 38.40 6.64 1.87
CA ASN B 14 39.04 7.71 1.12
C ASN B 14 39.45 7.26 -0.28
N VAL B 15 38.99 6.09 -0.71
CA VAL B 15 39.23 5.63 -2.09
C VAL B 15 38.36 6.44 -3.04
N PRO B 16 38.92 7.07 -4.07
CA PRO B 16 38.08 7.75 -5.07
C PRO B 16 37.17 6.76 -5.77
N GLU B 17 35.97 7.23 -6.10
CA GLU B 17 34.95 6.38 -6.70
C GLU B 17 35.00 6.46 -8.21
N GLU B 18 34.90 5.29 -8.87
CA GLU B 18 35.00 5.17 -10.31
C GLU B 18 33.64 4.89 -10.93
N PRO B 19 33.33 5.47 -12.10
CA PRO B 19 34.18 6.42 -12.83
C PRO B 19 34.07 7.86 -12.29
N PRO B 20 35.14 8.64 -12.42
CA PRO B 20 35.13 10.00 -11.87
C PRO B 20 34.06 10.87 -12.52
N LEU B 21 33.59 11.86 -11.76
CA LEU B 21 32.50 12.72 -12.20
C LEU B 21 32.96 13.65 -13.31
N LEU B 22 32.19 13.70 -14.40
CA LEU B 22 32.49 14.57 -15.53
C LEU B 22 31.71 15.88 -15.50
N GLY B 23 31.37 16.37 -14.31
CA GLY B 23 30.74 17.66 -14.18
C GLY B 23 29.27 17.71 -14.54
N ALA B 24 28.97 18.15 -15.76
CA ALA B 24 27.61 18.49 -16.17
C ALA B 24 26.70 17.28 -16.24
N GLU B 25 26.97 16.36 -17.17
CA GLU B 25 26.09 15.22 -17.39
C GLU B 25 25.99 14.30 -16.19
N ASP B 26 26.86 14.44 -15.20
CA ASP B 26 26.86 13.60 -14.02
C ASP B 26 26.19 14.25 -12.82
N SER B 27 25.82 15.52 -12.90
CA SER B 27 25.07 16.18 -11.86
C SER B 27 23.58 16.05 -12.15
N LEU B 28 22.78 16.04 -11.08
CA LEU B 28 21.34 15.94 -11.27
C LEU B 28 20.77 17.21 -11.88
N LEU B 29 21.04 18.35 -11.25
CA LEU B 29 20.49 19.62 -11.69
C LEU B 29 21.52 20.43 -12.47
N ALA B 30 21.03 21.21 -13.43
CA ALA B 30 21.82 22.25 -14.07
C ALA B 30 21.70 23.51 -13.22
N SER B 31 22.84 24.06 -12.81
CA SER B 31 22.83 25.11 -11.79
C SER B 31 22.01 26.32 -12.24
N GLN B 32 22.24 26.79 -13.47
CA GLN B 32 21.58 28.01 -13.91
C GLN B 32 20.08 27.78 -14.13
N GLU B 33 19.72 26.62 -14.67
CA GLU B 33 18.30 26.33 -14.86
C GLU B 33 17.59 26.14 -13.53
N ALA B 34 18.25 25.49 -12.56
CA ALA B 34 17.63 25.26 -11.27
C ALA B 34 17.53 26.53 -10.44
N LEU B 35 18.53 27.41 -10.55
CA LEU B 35 18.55 28.61 -9.71
C LEU B 35 17.47 29.60 -10.12
N ARG B 36 17.23 29.75 -11.43
CA ARG B 36 16.17 30.64 -11.86
C ARG B 36 14.79 30.07 -11.54
N TYR B 37 14.66 28.74 -11.51
CA TYR B 37 13.40 28.13 -11.07
C TYR B 37 13.16 28.43 -9.59
N TYR B 38 14.20 28.31 -8.76
CA TYR B 38 14.05 28.62 -7.34
C TYR B 38 13.80 30.11 -7.13
N ARG B 39 14.39 30.97 -7.96
CA ARG B 39 14.15 32.40 -7.83
C ARG B 39 12.71 32.76 -8.17
N ARG B 40 12.09 32.04 -9.11
CA ARG B 40 10.68 32.28 -9.40
C ARG B 40 9.78 31.80 -8.26
N LYS B 41 10.11 30.66 -7.66
CA LYS B 41 9.32 30.18 -6.52
C LYS B 41 9.45 31.12 -5.32
N VAL B 42 10.62 31.73 -5.13
CA VAL B 42 10.80 32.67 -4.04
C VAL B 42 9.99 33.94 -4.30
N ALA B 43 10.02 34.44 -5.54
CA ALA B 43 9.18 35.59 -5.88
C ALA B 43 7.71 35.26 -5.76
N ARG B 44 7.32 34.03 -6.14
CA ARG B 44 5.95 33.57 -5.93
C ARG B 44 5.59 33.59 -4.45
N TRP B 45 6.48 33.05 -3.60
CA TRP B 45 6.19 32.95 -2.18
C TRP B 45 6.07 34.34 -1.54
N ASN B 46 6.91 35.29 -1.98
CA ASN B 46 6.82 36.65 -1.47
C ASN B 46 5.53 37.33 -1.91
N ARG B 47 5.04 37.04 -3.13
CA ARG B 47 3.77 37.61 -3.56
C ARG B 47 2.62 37.10 -2.70
N ARG B 48 2.58 35.79 -2.47
CA ARG B 48 1.55 35.23 -1.58
C ARG B 48 1.67 35.79 -0.17
N HIS B 49 2.90 35.95 0.32
CA HIS B 49 3.08 36.38 1.70
C HIS B 49 2.63 37.83 1.90
N LYS B 50 2.86 38.69 0.90
CA LYS B 50 2.37 40.06 1.01
C LYS B 50 0.86 40.10 0.91
N MET B 51 0.28 39.34 -0.03
CA MET B 51 -1.17 39.35 -0.22
C MET B 51 -1.90 38.68 0.94
N TYR B 52 -1.37 37.55 1.43
CA TYR B 52 -2.00 36.87 2.56
C TYR B 52 -2.01 37.75 3.79
N ARG B 53 -0.85 38.33 4.12
CA ARG B 53 -0.71 39.12 5.33
C ARG B 53 -1.66 40.32 5.32
N GLU B 54 -2.14 40.71 4.14
CA GLU B 54 -3.14 41.76 4.01
C GLU B 54 -4.57 41.25 4.23
N GLN B 55 -4.88 40.04 3.77
CA GLN B 55 -6.24 39.52 3.95
C GLN B 55 -6.56 39.23 5.41
N MET B 56 -5.56 38.85 6.20
CA MET B 56 -5.74 38.57 7.62
C MET B 56 -5.32 39.75 8.48
N ASN B 57 -5.06 40.91 7.87
CA ASN B 57 -4.69 42.13 8.57
C ASN B 57 -3.47 41.93 9.46
N LEU B 58 -2.29 41.89 8.87
CA LEU B 58 -1.05 41.84 9.60
C LEU B 58 -0.08 42.76 8.87
N THR B 59 0.60 43.62 9.62
CA THR B 59 1.49 44.61 9.02
C THR B 59 2.65 43.91 8.33
N SER B 60 2.86 44.20 7.04
CA SER B 60 3.93 43.54 6.30
C SER B 60 5.30 43.92 6.83
N LEU B 61 5.54 43.63 8.11
CA LEU B 61 6.85 43.85 8.71
C LEU B 61 7.90 43.01 8.01
N ASP B 62 9.16 43.40 8.18
CA ASP B 62 10.36 42.69 7.76
C ASP B 62 10.55 42.76 6.24
N PRO B 63 11.79 42.67 5.78
CA PRO B 63 12.07 42.73 4.33
C PRO B 63 11.70 41.43 3.64
N PRO B 64 11.58 41.43 2.32
CA PRO B 64 11.22 40.20 1.61
C PRO B 64 12.36 39.19 1.65
N LEU B 65 12.04 37.97 1.20
CA LEU B 65 13.00 36.88 1.20
C LEU B 65 13.83 36.86 -0.09
N GLN B 66 15.10 36.50 0.04
CA GLN B 66 16.04 36.40 -1.06
C GLN B 66 16.55 34.97 -1.16
N LEU B 67 16.54 34.42 -2.38
CA LEU B 67 17.12 33.10 -2.61
C LEU B 67 18.63 33.24 -2.59
N ARG B 68 19.26 32.72 -1.54
CA ARG B 68 20.71 32.79 -1.38
C ARG B 68 21.33 31.48 -1.84
N LEU B 69 22.22 31.58 -2.84
CA LEU B 69 22.85 30.39 -3.42
C LEU B 69 23.61 29.58 -2.38
N GLU B 70 24.14 30.24 -1.34
CA GLU B 70 24.95 29.56 -0.34
C GLU B 70 24.12 28.80 0.69
N ALA B 71 22.80 28.76 0.53
CA ALA B 71 21.96 28.02 1.47
C ALA B 71 22.30 26.53 1.43
N SER B 72 22.20 25.89 2.59
CA SER B 72 22.59 24.48 2.71
C SER B 72 21.78 23.61 1.74
N TRP B 73 20.45 23.78 1.73
CA TRP B 73 19.62 22.94 0.88
C TRP B 73 19.86 23.19 -0.59
N VAL B 74 20.23 24.42 -0.97
CA VAL B 74 20.55 24.72 -2.36
C VAL B 74 21.80 23.96 -2.79
N GLN B 75 22.85 24.02 -1.96
CA GLN B 75 24.07 23.26 -2.27
C GLN B 75 23.82 21.77 -2.22
N PHE B 76 22.96 21.31 -1.31
CA PHE B 76 22.59 19.89 -1.28
C PHE B 76 22.02 19.45 -2.62
N HIS B 77 21.04 20.19 -3.15
CA HIS B 77 20.42 19.83 -4.43
C HIS B 77 21.45 19.86 -5.55
N LEU B 78 22.26 20.92 -5.60
CA LEU B 78 23.28 21.02 -6.64
C LEU B 78 24.40 19.99 -6.45
N GLY B 79 24.49 19.36 -5.28
CA GLY B 79 25.50 18.36 -5.02
C GLY B 79 25.09 16.96 -5.43
N ILE B 80 23.79 16.74 -5.62
CA ILE B 80 23.31 15.43 -6.04
C ILE B 80 23.90 15.09 -7.39
N ASN B 81 24.54 13.92 -7.48
CA ASN B 81 25.20 13.50 -8.70
C ASN B 81 25.01 12.00 -8.88
N ARG B 82 25.62 11.48 -9.95
CA ARG B 82 25.48 10.07 -10.33
C ARG B 82 25.96 9.10 -9.26
N HIS B 83 26.71 9.59 -8.26
CA HIS B 83 27.28 8.72 -7.24
C HIS B 83 26.48 8.69 -5.94
N GLY B 84 25.45 9.50 -5.81
CA GLY B 84 24.62 9.46 -4.61
C GLY B 84 24.00 10.81 -4.32
N LEU B 85 23.22 10.83 -3.23
CA LEU B 85 22.53 12.04 -2.82
C LEU B 85 23.49 13.11 -2.31
N TYR B 86 24.61 12.69 -1.75
CA TYR B 86 25.55 13.62 -1.14
C TYR B 86 26.94 13.02 -1.18
N SER B 87 27.93 13.83 -0.84
CA SER B 87 29.33 13.42 -0.92
C SER B 87 29.80 12.85 0.41
N ARG B 88 30.87 12.06 0.34
CA ARG B 88 31.46 11.47 1.53
C ARG B 88 32.22 12.53 2.32
N SER B 89 32.05 12.51 3.64
CA SER B 89 32.66 13.49 4.54
C SER B 89 32.35 14.91 4.06
N SER B 90 31.07 15.16 3.77
CA SER B 90 30.65 16.41 3.15
C SER B 90 30.36 17.46 4.20
N PRO B 91 31.04 18.62 4.16
CA PRO B 91 30.65 19.71 5.07
C PRO B 91 29.31 20.33 4.72
N VAL B 92 28.84 20.19 3.49
CA VAL B 92 27.52 20.71 3.12
C VAL B 92 26.42 19.95 3.87
N VAL B 93 26.56 18.63 4.00
CA VAL B 93 25.56 17.85 4.73
C VAL B 93 25.58 18.23 6.21
N SER B 94 26.78 18.37 6.79
CA SER B 94 26.88 18.76 8.20
C SER B 94 26.17 20.08 8.46
N LYS B 95 26.35 21.06 7.57
CA LYS B 95 25.67 22.34 7.72
C LYS B 95 24.17 22.19 7.54
N LEU B 96 23.74 21.35 6.59
CA LEU B 96 22.30 21.17 6.36
C LEU B 96 21.63 20.51 7.56
N LEU B 97 22.29 19.52 8.17
CA LEU B 97 21.76 18.92 9.39
C LEU B 97 21.60 19.96 10.50
N GLN B 98 22.58 20.85 10.66
CA GLN B 98 22.49 21.88 11.68
C GLN B 98 21.41 22.91 11.34
N ASP B 99 21.27 23.25 10.05
CA ASP B 99 20.27 24.23 9.67
C ASP B 99 18.85 23.71 9.89
N MET B 100 18.60 22.45 9.53
CA MET B 100 17.28 21.86 9.78
C MET B 100 16.99 21.78 11.27
N ARG B 101 18.04 21.68 12.10
CA ARG B 101 17.87 21.50 13.53
C ARG B 101 17.61 22.82 14.25
N HIS B 102 18.05 23.94 13.70
CA HIS B 102 18.03 25.22 14.41
C HIS B 102 17.27 26.33 13.69
N PHE B 103 17.19 26.31 12.37
CA PHE B 103 16.58 27.42 11.64
C PHE B 103 15.09 27.52 12.01
N PRO B 104 14.58 28.74 12.19
CA PRO B 104 13.14 28.90 12.43
C PRO B 104 12.34 28.60 11.17
N THR B 105 11.06 28.34 11.37
CA THR B 105 10.15 28.09 10.26
C THR B 105 9.42 29.37 9.87
N ILE B 106 9.03 29.44 8.60
CA ILE B 106 8.26 30.57 8.10
C ILE B 106 6.93 30.16 7.51
N SER B 107 6.74 28.88 7.16
CA SER B 107 5.47 28.39 6.64
C SER B 107 5.35 26.92 7.00
N ALA B 108 4.10 26.44 7.03
CA ALA B 108 3.82 25.04 7.28
C ALA B 108 2.54 24.68 6.54
N ASP B 109 2.47 23.45 6.04
CA ASP B 109 1.31 22.99 5.29
C ASP B 109 1.27 21.47 5.34
N TYR B 110 0.21 20.90 4.77
CA TYR B 110 0.14 19.47 4.58
C TYR B 110 0.98 19.06 3.37
N SER B 111 1.40 17.79 3.37
CA SER B 111 1.98 17.22 2.17
C SER B 111 0.90 17.08 1.10
N GLN B 112 1.33 17.17 -0.17
CA GLN B 112 0.38 17.15 -1.27
C GLN B 112 -0.40 15.84 -1.32
N ASP B 113 0.25 14.72 -0.99
CA ASP B 113 -0.42 13.42 -1.02
C ASP B 113 -1.49 13.30 0.06
N GLU B 114 -1.49 14.17 1.07
CA GLU B 114 -2.54 14.16 2.08
C GLU B 114 -3.56 15.28 1.88
N LYS B 115 -3.22 16.33 1.13
CA LYS B 115 -4.22 17.29 0.71
C LYS B 115 -5.31 16.66 -0.14
N ALA B 116 -5.00 15.54 -0.79
CA ALA B 116 -6.00 14.83 -1.58
C ALA B 116 -7.01 14.13 -0.69
N LEU B 117 -6.55 13.50 0.38
CA LEU B 117 -7.39 12.76 1.31
C LEU B 117 -8.15 13.66 2.29
N LEU B 118 -8.39 14.92 1.93
CA LEU B 118 -9.23 15.81 2.71
C LEU B 118 -10.56 15.87 1.98
N GLY B 119 -11.43 14.91 2.28
CA GLY B 119 -12.61 14.67 1.47
C GLY B 119 -13.93 14.95 2.15
N ALA B 120 -14.96 14.10 2.00
CA ALA B 120 -14.93 12.73 1.41
C ALA B 120 -13.95 11.80 2.12
N CYS B 121 -14.34 11.38 3.33
CA CYS B 121 -13.51 10.53 4.19
C CYS B 121 -13.76 9.07 3.85
N ASP B 122 -12.70 8.37 3.44
CA ASP B 122 -12.75 6.95 3.14
C ASP B 122 -11.60 6.26 3.88
N CYS B 123 -11.95 5.30 4.73
CA CYS B 123 -10.94 4.65 5.56
C CYS B 123 -10.01 3.74 4.77
N THR B 124 -10.39 3.37 3.55
CA THR B 124 -9.52 2.53 2.73
C THR B 124 -8.21 3.25 2.42
N GLN B 125 -8.29 4.50 2.02
CA GLN B 125 -7.11 5.30 1.68
C GLN B 125 -6.47 5.95 2.90
N ILE B 126 -6.95 5.67 4.11
CA ILE B 126 -6.44 6.27 5.33
C ILE B 126 -5.66 5.27 6.17
N VAL B 127 -6.13 4.02 6.25
CA VAL B 127 -5.50 3.03 7.10
C VAL B 127 -4.49 2.18 6.32
N LYS B 128 -4.04 2.67 5.17
CA LYS B 128 -3.01 1.98 4.41
C LYS B 128 -1.72 1.91 5.23
N PRO B 129 -0.91 0.86 5.03
CA PRO B 129 0.37 0.77 5.75
C PRO B 129 1.37 1.78 5.23
N SER B 130 2.46 1.94 6.01
CA SER B 130 3.58 2.81 5.67
C SER B 130 3.18 4.28 5.57
N GLY B 131 1.89 4.58 5.78
CA GLY B 131 1.42 5.94 5.70
C GLY B 131 1.53 6.63 7.05
N VAL B 132 2.21 7.77 7.07
CA VAL B 132 2.37 8.56 8.29
C VAL B 132 1.44 9.76 8.18
N HIS B 133 0.25 9.63 8.75
CA HIS B 133 -0.66 10.77 8.77
C HIS B 133 -0.26 11.68 9.92
N LEU B 134 -0.68 12.94 9.83
CA LEU B 134 -0.37 14.05 10.73
C LEU B 134 1.03 14.58 10.46
N LYS B 135 1.75 14.05 9.47
CA LYS B 135 3.02 14.63 9.10
C LYS B 135 2.81 15.95 8.38
N LEU B 136 3.78 16.85 8.48
CA LEU B 136 3.68 18.16 7.88
C LEU B 136 4.98 18.51 7.17
N VAL B 137 4.88 19.36 6.16
CA VAL B 137 6.04 19.90 5.46
C VAL B 137 6.30 21.30 6.00
N LEU B 138 7.51 21.51 6.53
CA LEU B 138 7.91 22.80 7.08
C LEU B 138 8.83 23.52 6.10
N ARG B 139 8.75 24.85 6.11
CA ARG B 139 9.65 25.70 5.33
C ARG B 139 10.46 26.55 6.31
N PHE B 140 11.78 26.58 6.11
CA PHE B 140 12.67 27.28 7.00
C PHE B 140 12.99 28.67 6.46
N SER B 141 13.69 29.46 7.29
CA SER B 141 14.00 30.83 6.95
C SER B 141 14.91 30.96 5.74
N ASP B 142 15.67 29.91 5.41
CA ASP B 142 16.47 29.90 4.19
C ASP B 142 15.73 29.33 2.99
N PHE B 143 14.40 29.23 3.08
CA PHE B 143 13.48 28.73 2.05
C PHE B 143 13.54 27.23 1.84
N GLY B 144 14.33 26.49 2.63
CA GLY B 144 14.36 25.06 2.50
C GLY B 144 13.14 24.38 3.10
N LYS B 145 12.86 23.16 2.62
CA LYS B 145 11.69 22.41 3.04
C LYS B 145 12.10 21.06 3.61
N ALA B 146 11.45 20.65 4.68
CA ALA B 146 11.68 19.36 5.30
C ALA B 146 10.36 18.72 5.68
N MET B 147 10.31 17.40 5.59
CA MET B 147 9.14 16.62 6.00
C MET B 147 9.24 16.35 7.50
N PHE B 148 8.30 16.91 8.26
CA PHE B 148 8.26 16.72 9.72
C PHE B 148 7.32 15.57 10.03
N LYS B 149 7.87 14.47 10.56
CA LYS B 149 7.06 13.35 11.02
C LYS B 149 7.04 13.35 12.55
N PRO B 150 5.93 13.71 13.19
CA PRO B 150 5.92 13.76 14.65
C PRO B 150 5.96 12.38 15.27
N MET B 151 6.47 12.32 16.49
CA MET B 151 6.53 11.07 17.24
C MET B 151 5.13 10.50 17.46
N ARG B 152 5.01 9.19 17.34
CA ARG B 152 3.78 8.50 17.68
C ARG B 152 3.57 8.54 19.19
N GLN B 153 2.46 9.12 19.63
CA GLN B 153 2.18 9.32 21.05
C GLN B 153 1.03 8.48 21.56
N GLN B 154 -0.01 8.28 20.76
CA GLN B 154 -1.20 7.57 21.22
C GLN B 154 -0.94 6.08 21.34
N ARG B 155 -1.32 5.51 22.49
CA ARG B 155 -1.32 4.06 22.65
C ARG B 155 -2.47 3.46 21.84
N ASP B 156 -2.39 2.13 21.62
CA ASP B 156 -3.36 1.48 20.75
C ASP B 156 -4.76 1.42 21.35
N GLU B 157 -4.94 1.69 22.64
CA GLU B 157 -6.29 1.80 23.18
C GLU B 157 -7.02 3.01 22.60
N GLU B 158 -6.28 4.07 22.27
CA GLU B 158 -6.86 5.24 21.63
C GLU B 158 -7.09 5.05 20.13
N THR B 159 -6.53 3.99 19.55
CA THR B 159 -6.65 3.70 18.12
C THR B 159 -7.16 2.27 17.98
N PRO B 160 -8.46 2.05 18.23
CA PRO B 160 -8.97 0.67 18.30
C PRO B 160 -8.79 -0.14 17.03
N VAL B 161 -8.72 0.52 15.87
CA VAL B 161 -8.57 -0.22 14.62
C VAL B 161 -7.12 -0.66 14.38
N ASP B 162 -6.15 0.04 14.97
CA ASP B 162 -4.74 -0.29 14.73
C ASP B 162 -4.36 -1.59 15.43
N PHE B 163 -3.61 -2.43 14.73
CA PHE B 163 -3.06 -3.65 15.29
C PHE B 163 -1.72 -3.34 15.95
N PHE B 164 -1.58 -3.75 17.22
CA PHE B 164 -0.47 -3.33 18.07
C PHE B 164 0.89 -3.50 17.38
N TYR B 165 1.16 -4.71 16.86
CA TYR B 165 2.48 -5.02 16.32
C TYR B 165 2.75 -4.40 14.96
N PHE B 166 1.85 -3.57 14.44
CA PHE B 166 2.08 -2.82 13.21
C PHE B 166 2.24 -1.33 13.45
N ILE B 167 2.11 -0.88 14.70
CA ILE B 167 2.15 0.55 14.99
C ILE B 167 3.58 1.07 14.89
N ASP B 168 3.72 2.24 14.27
CA ASP B 168 5.02 2.88 14.06
C ASP B 168 5.46 3.66 15.30
N PHE B 169 5.68 2.93 16.39
CA PHE B 169 6.13 3.56 17.63
C PHE B 169 7.50 4.19 17.47
N GLN B 170 8.40 3.52 16.75
CA GLN B 170 9.78 3.98 16.54
C GLN B 170 9.90 4.89 15.33
N ARG B 171 8.79 5.47 14.87
CA ARG B 171 8.73 6.10 13.55
C ARG B 171 9.75 7.22 13.39
N HIS B 172 9.78 8.17 14.31
CA HIS B 172 10.68 9.32 14.14
C HIS B 172 12.13 8.91 14.38
N ASN B 173 12.37 8.01 15.36
CA ASN B 173 13.72 7.51 15.58
C ASN B 173 14.24 6.74 14.38
N ALA B 174 13.35 6.05 13.64
CA ALA B 174 13.77 5.23 12.52
C ALA B 174 14.26 6.07 11.36
N GLU B 175 13.59 7.19 11.08
CA GLU B 175 14.04 8.07 10.01
C GLU B 175 15.43 8.62 10.29
N ILE B 176 15.67 9.04 11.54
CA ILE B 176 16.97 9.58 11.92
C ILE B 176 18.05 8.52 11.80
N ALA B 177 17.84 7.37 12.45
CA ALA B 177 18.87 6.32 12.49
C ALA B 177 19.14 5.73 11.11
N ALA B 178 18.14 5.72 10.22
CA ALA B 178 18.37 5.18 8.88
C ALA B 178 19.33 6.06 8.09
N PHE B 179 19.30 7.37 8.30
CA PHE B 179 20.24 8.24 7.62
C PHE B 179 21.66 8.05 8.15
N HIS B 180 21.81 7.95 9.48
CA HIS B 180 23.14 7.79 10.06
C HIS B 180 23.77 6.47 9.61
N LEU B 181 22.97 5.40 9.55
CA LEU B 181 23.49 4.14 9.03
C LEU B 181 23.84 4.26 7.55
N ASP B 182 23.04 5.02 6.79
CA ASP B 182 23.32 5.23 5.38
C ASP B 182 24.67 5.91 5.18
N ARG B 183 24.96 6.93 5.99
CA ARG B 183 26.25 7.62 5.88
C ARG B 183 27.39 6.71 6.32
N ILE B 184 27.20 5.97 7.41
CA ILE B 184 28.25 5.09 7.92
C ILE B 184 28.55 3.97 6.93
N LEU B 185 27.51 3.41 6.30
CA LEU B 185 27.71 2.40 5.27
C LEU B 185 28.30 3.00 3.99
N ASP B 186 28.29 4.32 3.86
CA ASP B 186 28.73 5.02 2.65
C ASP B 186 27.87 4.66 1.43
N PHE B 187 26.61 4.31 1.67
CA PHE B 187 25.65 4.20 0.57
C PHE B 187 25.25 5.58 0.06
N ARG B 188 25.01 6.52 0.98
CA ARG B 188 24.68 7.91 0.68
C ARG B 188 23.44 7.99 -0.22
N ARG B 189 22.37 7.31 0.19
CA ARG B 189 21.18 7.19 -0.63
C ARG B 189 19.88 7.58 0.07
N VAL B 190 19.93 8.02 1.33
CA VAL B 190 18.71 8.50 1.98
C VAL B 190 18.90 9.97 2.30
N PRO B 191 17.83 10.76 2.28
CA PRO B 191 17.98 12.20 2.49
C PRO B 191 18.45 12.50 3.90
N PRO B 192 19.22 13.57 4.09
CA PRO B 192 19.65 13.94 5.44
C PRO B 192 18.45 14.15 6.37
N THR B 193 18.58 13.64 7.59
CA THR B 193 17.46 13.62 8.53
C THR B 193 17.97 13.90 9.94
N VAL B 194 17.28 14.80 10.64
CA VAL B 194 17.62 15.17 12.01
C VAL B 194 16.37 15.06 12.87
N GLY B 195 16.59 14.93 14.17
CA GLY B 195 15.53 15.11 15.14
C GLY B 195 15.44 16.55 15.59
N ARG B 196 14.23 16.96 15.99
CA ARG B 196 14.02 18.32 16.45
C ARG B 196 12.83 18.37 17.39
N ILE B 197 12.98 19.12 18.47
CA ILE B 197 11.89 19.40 19.39
C ILE B 197 11.24 20.70 18.94
N VAL B 198 10.00 20.61 18.46
CA VAL B 198 9.34 21.70 17.75
C VAL B 198 8.26 22.29 18.64
N ASN B 199 8.25 23.62 18.74
CA ASN B 199 7.15 24.34 19.40
C ASN B 199 6.01 24.42 18.39
N VAL B 200 5.03 23.52 18.55
CA VAL B 200 3.95 23.40 17.56
C VAL B 200 3.14 24.68 17.48
N THR B 201 3.10 25.47 18.55
CA THR B 201 2.37 26.74 18.51
C THR B 201 3.11 27.76 17.65
N LYS B 202 4.38 28.01 17.96
CA LYS B 202 5.11 29.07 17.28
C LYS B 202 5.54 28.67 15.87
N GLU B 203 5.98 27.43 15.68
CA GLU B 203 6.64 27.04 14.44
C GLU B 203 5.75 26.27 13.49
N ILE B 204 4.48 26.05 13.83
CA ILE B 204 3.56 25.36 12.93
C ILE B 204 2.25 26.13 12.85
N LEU B 205 1.58 26.32 13.99
CA LEU B 205 0.27 26.96 13.98
C LEU B 205 0.36 28.42 13.54
N GLU B 206 1.35 29.15 14.04
CA GLU B 206 1.42 30.59 13.80
C GLU B 206 2.12 30.95 12.50
N VAL B 207 2.59 29.97 11.73
CA VAL B 207 3.27 30.24 10.46
C VAL B 207 2.51 29.69 9.26
N THR B 208 1.49 28.85 9.46
CA THR B 208 0.77 28.26 8.34
C THR B 208 -0.27 29.22 7.78
N LYS B 209 -0.45 29.18 6.47
CA LYS B 209 -1.52 29.91 5.80
C LYS B 209 -2.69 29.02 5.44
N ASN B 210 -2.63 27.74 5.81
CA ASN B 210 -3.67 26.77 5.46
C ASN B 210 -4.75 26.80 6.53
N GLU B 211 -5.96 27.23 6.14
CA GLU B 211 -7.03 27.38 7.11
C GLU B 211 -7.48 26.05 7.69
N ILE B 212 -7.40 24.97 6.91
CA ILE B 212 -7.76 23.64 7.44
C ILE B 212 -6.80 23.23 8.54
N LEU B 213 -5.49 23.41 8.31
CA LEU B 213 -4.51 23.09 9.34
C LEU B 213 -4.66 23.99 10.56
N GLN B 214 -5.05 25.26 10.35
CA GLN B 214 -5.31 26.15 11.47
C GLN B 214 -6.47 25.66 12.34
N SER B 215 -7.54 25.18 11.70
CA SER B 215 -8.76 24.86 12.42
C SER B 215 -8.64 23.58 13.24
N VAL B 216 -7.68 22.70 12.93
CA VAL B 216 -7.57 21.43 13.65
C VAL B 216 -6.73 21.55 14.91
N PHE B 217 -6.19 22.72 15.21
CA PHE B 217 -5.48 22.92 16.47
C PHE B 217 -6.47 23.21 17.59
N PHE B 218 -6.19 22.64 18.77
CA PHE B 218 -7.06 22.78 19.93
C PHE B 218 -6.23 22.57 21.18
N VAL B 219 -6.83 22.91 22.32
CA VAL B 219 -6.18 22.77 23.63
C VAL B 219 -6.71 21.50 24.30
N SER B 220 -5.79 20.64 24.72
CA SER B 220 -6.16 19.39 25.36
C SER B 220 -6.82 19.65 26.71
N PRO B 221 -7.68 18.74 27.18
CA PRO B 221 -8.20 18.86 28.55
C PRO B 221 -7.10 18.91 29.61
N ALA B 222 -5.93 18.35 29.32
CA ALA B 222 -4.76 18.47 30.19
C ALA B 222 -3.95 19.73 29.89
N SER B 223 -4.55 20.70 29.19
CA SER B 223 -3.93 22.00 28.91
C SER B 223 -2.73 21.88 27.97
N ASN B 224 -2.75 20.89 27.07
CA ASN B 224 -1.72 20.73 26.06
C ASN B 224 -2.22 21.24 24.72
N VAL B 225 -1.29 21.70 23.89
CA VAL B 225 -1.61 22.16 22.54
C VAL B 225 -1.54 20.96 21.59
N CYS B 226 -2.61 20.75 20.84
CA CYS B 226 -2.73 19.58 19.98
C CYS B 226 -3.33 19.99 18.65
N PHE B 227 -3.05 19.19 17.62
CA PHE B 227 -3.79 19.24 16.38
C PHE B 227 -4.14 17.82 15.98
N PHE B 228 -5.22 17.68 15.22
CA PHE B 228 -5.76 16.37 14.92
C PHE B 228 -6.13 16.28 13.44
N ALA B 229 -6.33 15.04 12.99
CA ALA B 229 -6.80 14.76 11.64
C ALA B 229 -8.19 14.15 11.75
N LYS B 230 -9.17 14.78 11.08
CA LYS B 230 -10.56 14.42 11.31
C LYS B 230 -10.88 13.04 10.73
N CYS B 231 -10.46 12.78 9.49
CA CYS B 231 -10.78 11.52 8.83
C CYS B 231 -10.12 10.33 9.53
N PRO B 232 -8.84 10.39 9.90
CA PRO B 232 -8.30 9.31 10.74
C PRO B 232 -9.03 9.12 12.06
N TYR B 233 -9.57 10.20 12.64
CA TYR B 233 -10.31 10.06 13.90
C TYR B 233 -11.60 9.27 13.71
N MET B 234 -12.32 9.54 12.62
CA MET B 234 -13.52 8.77 12.33
C MET B 234 -13.20 7.33 12.00
N CYS B 235 -12.04 7.07 11.39
CA CYS B 235 -11.62 5.72 11.07
C CYS B 235 -11.00 4.99 12.25
N LYS B 236 -10.95 5.63 13.43
CA LYS B 236 -10.51 4.99 14.67
C LYS B 236 -9.05 4.55 14.58
N THR B 237 -8.23 5.34 13.90
CA THR B 237 -6.79 5.13 13.83
C THR B 237 -6.09 6.32 14.50
N GLU B 238 -4.77 6.39 14.36
CA GLU B 238 -4.01 7.47 14.96
C GLU B 238 -4.43 8.81 14.38
N TYR B 239 -4.80 9.75 15.25
CA TYR B 239 -5.40 10.98 14.78
C TYR B 239 -4.93 12.26 15.49
N ALA B 240 -4.11 12.19 16.52
CA ALA B 240 -3.73 13.41 17.22
C ALA B 240 -2.34 13.27 17.82
N VAL B 241 -1.59 14.38 17.79
CA VAL B 241 -0.33 14.52 18.51
C VAL B 241 -0.38 15.83 19.28
N CYS B 242 0.36 15.88 20.39
CA CYS B 242 0.30 17.02 21.29
C CYS B 242 1.70 17.41 21.74
N GLY B 243 1.91 18.71 21.92
CA GLY B 243 3.03 19.19 22.69
C GLY B 243 2.76 18.99 24.17
N LYS B 244 3.81 19.16 24.98
CA LYS B 244 3.72 18.98 26.42
C LYS B 244 4.31 20.18 27.14
N PRO B 245 3.61 21.32 27.16
CA PRO B 245 2.33 21.53 26.48
C PRO B 245 2.49 22.09 25.06
N HIS B 246 3.68 22.57 24.74
CA HIS B 246 3.98 23.15 23.44
C HIS B 246 4.99 22.36 22.61
N LEU B 247 5.94 21.69 23.27
CA LEU B 247 7.06 21.08 22.56
C LEU B 247 6.72 19.66 22.16
N LEU B 248 7.02 19.32 20.90
CA LEU B 248 6.74 18.00 20.34
C LEU B 248 7.94 17.51 19.56
N GLU B 249 8.40 16.31 19.89
CA GLU B 249 9.57 15.73 19.26
C GLU B 249 9.20 14.99 17.98
N GLY B 250 10.06 15.08 16.98
CA GLY B 250 9.81 14.42 15.71
C GLY B 250 11.07 14.38 14.85
N SER B 251 10.91 13.85 13.64
CA SER B 251 11.99 13.74 12.68
C SER B 251 11.78 14.70 11.52
N LEU B 252 12.88 15.26 11.02
CA LEU B 252 12.86 16.20 9.90
C LEU B 252 13.76 15.67 8.79
N SER B 253 13.18 15.46 7.60
CA SER B 253 13.91 14.91 6.46
C SER B 253 13.93 15.95 5.33
N ALA B 254 15.13 16.21 4.82
CA ALA B 254 15.32 17.26 3.82
C ALA B 254 14.65 16.88 2.50
N PHE B 255 13.98 17.85 1.89
CA PHE B 255 13.31 17.63 0.62
C PHE B 255 14.29 17.42 -0.52
N LEU B 256 13.97 16.49 -1.41
CA LEU B 256 14.67 16.34 -2.67
C LEU B 256 14.23 17.46 -3.62
N PRO B 257 14.93 17.62 -4.76
CA PRO B 257 14.51 18.66 -5.72
C PRO B 257 13.09 18.42 -6.22
N SER B 258 12.41 19.52 -6.56
CA SER B 258 11.06 19.44 -7.08
C SER B 258 11.00 18.51 -8.29
N LEU B 259 9.89 17.78 -8.39
CA LEU B 259 9.74 16.84 -9.50
C LEU B 259 9.74 17.55 -10.85
N ASN B 260 9.50 18.85 -10.88
CA ASN B 260 9.67 19.61 -12.11
C ASN B 260 11.12 19.64 -12.54
N LEU B 261 12.05 19.77 -11.58
CA LEU B 261 13.47 19.83 -11.90
C LEU B 261 14.08 18.45 -12.05
N ALA B 262 13.63 17.48 -11.27
CA ALA B 262 14.19 16.13 -11.28
C ALA B 262 13.08 15.12 -11.07
N PRO B 263 12.49 14.62 -12.14
CA PRO B 263 11.41 13.64 -12.01
C PRO B 263 11.93 12.32 -11.47
N ARG B 264 11.05 11.59 -10.78
CA ARG B 264 11.41 10.31 -10.19
C ARG B 264 10.43 9.25 -10.65
N LEU B 265 10.93 8.02 -10.75
CA LEU B 265 10.11 6.85 -11.01
C LEU B 265 10.06 5.97 -9.76
N SER B 266 8.92 5.33 -9.55
CA SER B 266 8.73 4.34 -8.51
C SER B 266 8.70 2.96 -9.16
N VAL B 267 9.50 2.04 -8.64
CA VAL B 267 9.67 0.71 -9.21
C VAL B 267 9.35 -0.32 -8.14
N PRO B 268 8.52 -1.32 -8.42
CA PRO B 268 8.20 -2.32 -7.40
C PRO B 268 9.40 -3.21 -7.07
N ASN B 269 9.50 -3.57 -5.79
CA ASN B 269 10.55 -4.43 -5.27
C ASN B 269 10.18 -5.89 -5.52
N PRO B 270 10.90 -6.59 -6.41
CA PRO B 270 10.56 -7.98 -6.73
C PRO B 270 10.67 -8.94 -5.55
N TRP B 271 11.30 -8.52 -4.44
CA TRP B 271 11.46 -9.37 -3.27
C TRP B 271 10.68 -8.85 -2.07
N ILE B 272 9.67 -8.00 -2.29
CA ILE B 272 8.87 -7.48 -1.17
C ILE B 272 8.15 -8.61 -0.45
N ARG B 273 7.87 -9.71 -1.15
CA ARG B 273 7.19 -10.85 -0.57
C ARG B 273 8.04 -12.10 -0.69
N SER B 274 7.89 -12.99 0.28
CA SER B 274 8.47 -14.33 0.23
C SER B 274 7.38 -15.33 -0.13
N TYR B 275 7.80 -16.50 -0.59
CA TYR B 275 6.86 -17.52 -1.04
C TYR B 275 7.27 -18.86 -0.49
N THR B 276 6.27 -19.68 -0.14
CA THR B 276 6.52 -21.03 0.36
C THR B 276 6.65 -21.93 -0.86
N LEU B 277 7.88 -22.31 -1.18
CA LEU B 277 8.11 -23.16 -2.33
C LEU B 277 7.66 -24.58 -2.04
N ALA B 278 7.29 -25.30 -3.10
CA ALA B 278 6.92 -26.70 -2.97
C ALA B 278 8.11 -27.48 -2.44
N GLY B 279 7.91 -28.15 -1.30
CA GLY B 279 8.98 -28.77 -0.54
C GLY B 279 10.03 -29.54 -1.31
N LYS B 280 11.26 -29.56 -0.78
CA LYS B 280 11.54 -28.93 0.50
C LYS B 280 12.70 -27.93 0.41
N GLU B 281 12.72 -27.14 -0.66
CA GLU B 281 13.75 -26.12 -0.83
C GLU B 281 13.31 -24.78 -0.22
N GLU B 282 14.20 -24.18 0.56
CA GLU B 282 13.89 -22.93 1.24
C GLU B 282 13.91 -21.77 0.26
N TRP B 283 13.05 -20.79 0.51
CA TRP B 283 12.89 -19.66 -0.41
C TRP B 283 14.16 -18.83 -0.50
N GLU B 284 14.76 -18.49 0.65
CA GLU B 284 15.94 -17.63 0.64
C GLU B 284 17.14 -18.30 -0.02
N VAL B 285 17.17 -19.63 -0.07
CA VAL B 285 18.32 -20.33 -0.64
C VAL B 285 18.13 -20.71 -2.11
N ASN B 286 16.90 -20.79 -2.59
CA ASN B 286 16.66 -21.24 -3.96
C ASN B 286 16.97 -20.13 -4.96
N PRO B 287 17.84 -20.36 -5.93
CA PRO B 287 18.23 -19.29 -6.86
C PRO B 287 17.35 -19.15 -8.10
N LEU B 288 16.37 -20.04 -8.30
CA LEU B 288 15.58 -20.03 -9.53
C LEU B 288 14.86 -18.70 -9.73
N TYR B 289 14.31 -18.13 -8.65
CA TYR B 289 13.61 -16.86 -8.78
C TYR B 289 14.54 -15.76 -9.29
N CYS B 290 15.72 -15.60 -8.67
CA CYS B 290 16.66 -14.61 -9.15
C CYS B 290 17.21 -14.98 -10.52
N ASP B 291 17.36 -16.28 -10.79
CA ASP B 291 17.75 -16.73 -12.13
C ASP B 291 16.77 -16.21 -13.18
N THR B 292 15.48 -16.15 -12.83
CA THR B 292 14.49 -15.60 -13.75
C THR B 292 14.53 -14.07 -13.77
N VAL B 293 14.64 -13.44 -12.60
CA VAL B 293 14.69 -11.98 -12.54
C VAL B 293 15.91 -11.45 -13.29
N LYS B 294 17.03 -12.19 -13.23
CA LYS B 294 18.21 -11.81 -13.99
C LYS B 294 17.94 -11.71 -15.49
N GLN B 295 16.91 -12.40 -15.98
CA GLN B 295 16.54 -12.37 -17.39
C GLN B 295 15.42 -11.38 -17.67
N ILE B 296 15.03 -10.58 -16.69
CA ILE B 296 13.91 -9.64 -16.83
C ILE B 296 14.46 -8.23 -16.75
N TYR B 297 14.21 -7.45 -17.79
CA TYR B 297 14.58 -6.03 -17.78
C TYR B 297 13.88 -5.31 -16.63
N PRO B 298 14.56 -4.38 -15.94
CA PRO B 298 15.93 -3.91 -16.19
C PRO B 298 16.99 -4.63 -15.35
N TYR B 299 16.64 -5.76 -14.75
CA TYR B 299 17.58 -6.49 -13.91
C TYR B 299 18.56 -7.33 -14.70
N ASN B 300 18.55 -7.25 -16.04
CA ASN B 300 19.56 -7.99 -16.79
C ASN B 300 20.92 -7.33 -16.73
N ASN B 301 20.97 -6.02 -16.55
CA ASN B 301 22.25 -5.34 -16.41
C ASN B 301 22.75 -5.45 -14.99
N SER B 302 24.07 -5.42 -14.85
CA SER B 302 24.71 -5.78 -13.59
C SER B 302 24.39 -4.76 -12.50
N GLN B 303 24.42 -3.47 -12.83
CA GLN B 303 24.33 -2.44 -11.81
C GLN B 303 23.00 -2.48 -11.07
N ARG B 304 21.90 -2.70 -11.79
CA ARG B 304 20.59 -2.62 -11.18
C ARG B 304 20.39 -3.69 -10.11
N LEU B 305 20.77 -4.94 -10.42
CA LEU B 305 20.59 -6.01 -9.44
C LEU B 305 21.51 -5.82 -8.24
N LEU B 306 22.74 -5.32 -8.48
CA LEU B 306 23.65 -5.04 -7.37
C LEU B 306 23.12 -3.91 -6.50
N ASN B 307 22.43 -2.93 -7.10
CA ASN B 307 21.85 -1.85 -6.31
C ASN B 307 20.69 -2.36 -5.45
N VAL B 308 19.88 -3.29 -5.99
CA VAL B 308 18.80 -3.89 -5.20
C VAL B 308 19.38 -4.70 -4.06
N ILE B 309 20.48 -5.42 -4.31
CA ILE B 309 21.12 -6.20 -3.26
C ILE B 309 21.66 -5.30 -2.16
N ASP B 310 22.18 -4.13 -2.54
CA ASP B 310 22.55 -3.11 -1.55
C ASP B 310 21.35 -2.70 -0.71
N MET B 311 20.22 -2.45 -1.38
CA MET B 311 19.02 -2.00 -0.68
C MET B 311 18.49 -3.07 0.26
N ALA B 312 18.62 -4.35 -0.10
CA ALA B 312 18.16 -5.42 0.78
C ALA B 312 19.06 -5.56 2.01
N ILE B 313 20.37 -5.38 1.83
CA ILE B 313 21.28 -5.38 2.97
C ILE B 313 20.91 -4.27 3.94
N PHE B 314 20.68 -3.07 3.42
CA PHE B 314 20.25 -1.95 4.24
C PHE B 314 18.94 -2.24 4.95
N ASP B 315 17.94 -2.74 4.21
CA ASP B 315 16.64 -3.03 4.81
C ASP B 315 16.74 -4.13 5.86
N PHE B 316 17.60 -5.12 5.63
CA PHE B 316 17.80 -6.17 6.63
C PHE B 316 18.42 -5.60 7.91
N LEU B 317 19.42 -4.72 7.76
CA LEU B 317 20.09 -4.16 8.93
C LEU B 317 19.12 -3.39 9.82
N ILE B 318 18.20 -2.64 9.23
CA ILE B 318 17.23 -1.87 10.01
C ILE B 318 15.91 -2.61 10.20
N GLY B 319 15.80 -3.83 9.69
CA GLY B 319 14.60 -4.63 9.85
C GLY B 319 13.36 -4.01 9.24
N ASN B 320 13.46 -3.57 8.00
CA ASN B 320 12.36 -2.92 7.29
C ASN B 320 11.77 -3.90 6.29
N MET B 321 10.58 -4.43 6.60
CA MET B 321 9.86 -5.34 5.73
C MET B 321 8.92 -4.63 4.76
N ASP B 322 8.94 -3.29 4.73
CA ASP B 322 7.92 -2.51 4.03
C ASP B 322 8.49 -1.72 2.85
N ARG B 323 9.56 -2.21 2.23
CA ARG B 323 10.09 -1.57 1.03
C ARG B 323 9.38 -2.15 -0.20
N HIS B 324 8.11 -1.76 -0.34
CA HIS B 324 7.31 -2.22 -1.47
C HIS B 324 7.82 -1.65 -2.78
N HIS B 325 8.37 -0.44 -2.76
CA HIS B 325 8.87 0.21 -3.96
C HIS B 325 10.14 0.99 -3.63
N TYR B 326 10.97 1.17 -4.64
CA TYR B 326 12.13 2.05 -4.55
C TYR B 326 12.05 3.10 -5.65
N GLU B 327 12.75 4.20 -5.45
CA GLU B 327 12.68 5.33 -6.36
C GLU B 327 14.04 5.60 -7.00
N MET B 328 13.99 6.19 -8.19
CA MET B 328 15.18 6.53 -8.96
C MET B 328 14.98 7.88 -9.62
N PHE B 329 16.08 8.55 -9.89
CA PHE B 329 16.03 9.76 -10.69
C PHE B 329 16.01 9.41 -12.17
N THR B 330 15.14 10.09 -12.93
CA THR B 330 15.03 9.83 -14.36
C THR B 330 16.34 10.09 -15.09
N LYS B 331 17.05 11.15 -14.70
CA LYS B 331 18.22 11.60 -15.46
C LYS B 331 19.35 10.57 -15.49
N PHE B 332 19.48 9.79 -14.42
CA PHE B 332 20.59 8.84 -14.29
C PHE B 332 20.30 7.48 -14.94
N GLY B 333 19.18 7.32 -15.62
CA GLY B 333 18.83 6.10 -16.34
C GLY B 333 18.68 4.85 -15.47
N ASP B 334 18.76 3.70 -16.15
CA ASP B 334 18.60 2.41 -15.48
C ASP B 334 19.73 2.12 -14.50
N ASP B 335 20.98 2.45 -14.88
CA ASP B 335 22.11 2.16 -14.01
C ASP B 335 22.22 3.12 -12.83
N GLY B 336 21.36 4.13 -12.77
CA GLY B 336 21.39 5.06 -11.65
C GLY B 336 21.14 4.38 -10.31
N PHE B 337 21.58 5.06 -9.26
CA PHE B 337 21.45 4.54 -7.91
C PHE B 337 20.00 4.61 -7.45
N LEU B 338 19.69 3.80 -6.44
CA LEU B 338 18.34 3.74 -5.87
C LEU B 338 18.27 4.66 -4.66
N ILE B 339 17.19 5.43 -4.57
CA ILE B 339 16.94 6.32 -3.44
C ILE B 339 16.19 5.54 -2.37
N HIS B 340 16.73 5.56 -1.14
CA HIS B 340 16.14 4.85 -0.02
C HIS B 340 15.33 5.84 0.82
N LEU B 341 14.10 6.10 0.37
CA LEU B 341 13.19 7.01 1.04
C LEU B 341 12.26 6.28 2.02
N ASP B 342 11.70 7.05 2.96
CA ASP B 342 10.63 6.62 3.86
C ASP B 342 10.99 5.32 4.58
N ASN B 343 11.92 5.47 5.54
CA ASN B 343 12.38 4.36 6.37
C ASN B 343 11.70 4.34 7.74
N ALA B 344 10.50 4.91 7.85
CA ALA B 344 9.82 5.00 9.13
C ALA B 344 9.45 3.63 9.71
N ARG B 345 9.46 2.57 8.90
CA ARG B 345 9.10 1.24 9.36
C ARG B 345 10.28 0.44 9.86
N GLY B 346 11.47 1.03 9.91
CA GLY B 346 12.64 0.33 10.42
C GLY B 346 12.78 0.45 11.92
N PHE B 347 13.71 -0.35 12.47
CA PHE B 347 14.08 -0.30 13.88
C PHE B 347 12.86 -0.50 14.79
N GLY B 348 12.00 -1.46 14.44
CA GLY B 348 10.81 -1.70 15.23
C GLY B 348 10.92 -2.89 16.15
N ARG B 349 11.80 -3.83 15.82
CA ARG B 349 11.96 -5.07 16.60
C ARG B 349 13.46 -5.33 16.74
N HIS B 350 14.01 -5.04 17.92
CA HIS B 350 15.43 -5.31 18.13
C HIS B 350 15.71 -6.78 18.40
N SER B 351 14.68 -7.57 18.71
CA SER B 351 14.84 -8.97 19.10
C SER B 351 14.50 -9.95 17.99
N HIS B 352 14.26 -9.47 16.77
CA HIS B 352 13.94 -10.35 15.65
C HIS B 352 14.70 -9.92 14.40
N ASP B 353 15.21 -10.90 13.65
CA ASP B 353 15.89 -10.67 12.38
C ASP B 353 15.13 -11.39 11.29
N GLU B 354 14.62 -10.63 10.32
CA GLU B 354 13.85 -11.19 9.21
C GLU B 354 14.78 -11.43 8.04
N ILE B 355 15.32 -12.66 7.96
CA ILE B 355 16.30 -12.98 6.93
C ILE B 355 15.70 -13.01 5.54
N SER B 356 14.36 -13.07 5.43
CA SER B 356 13.73 -13.01 4.12
C SER B 356 13.99 -11.69 3.42
N ILE B 357 14.30 -10.63 4.16
CA ILE B 357 14.70 -9.36 3.54
C ILE B 357 15.99 -9.54 2.75
N LEU B 358 16.90 -10.38 3.24
CA LEU B 358 18.17 -10.62 2.58
C LEU B 358 18.05 -11.51 1.35
N SER B 359 16.84 -11.93 0.99
CA SER B 359 16.64 -12.88 -0.11
C SER B 359 17.36 -12.52 -1.41
N PRO B 360 17.40 -11.25 -1.87
CA PRO B 360 18.18 -10.99 -3.09
C PRO B 360 19.63 -11.43 -2.99
N LEU B 361 20.25 -11.23 -1.84
CA LEU B 361 21.65 -11.62 -1.67
C LEU B 361 21.79 -13.14 -1.60
N SER B 362 20.93 -13.79 -0.81
CA SER B 362 21.04 -15.24 -0.64
C SER B 362 20.59 -16.01 -1.88
N GLN B 363 19.77 -15.41 -2.74
CA GLN B 363 19.35 -16.09 -3.97
C GLN B 363 20.30 -15.79 -5.14
N CYS B 364 20.65 -14.53 -5.35
CA CYS B 364 21.48 -14.17 -6.48
C CYS B 364 22.96 -14.45 -6.24
N CYS B 365 23.38 -14.40 -4.98
CA CYS B 365 24.76 -14.73 -4.58
C CYS B 365 25.78 -13.87 -5.33
N MET B 366 25.57 -12.56 -5.29
CA MET B 366 26.54 -11.60 -5.80
C MET B 366 26.41 -10.31 -5.00
N ILE B 367 27.52 -9.59 -4.88
CA ILE B 367 27.58 -8.41 -4.03
C ILE B 367 28.67 -7.49 -4.57
N LYS B 368 28.51 -6.20 -4.32
CA LYS B 368 29.53 -5.23 -4.71
C LYS B 368 30.79 -5.43 -3.88
N LYS B 369 31.94 -5.32 -4.54
CA LYS B 369 33.22 -5.35 -3.82
C LYS B 369 33.27 -4.25 -2.77
N LYS B 370 32.90 -3.02 -3.15
CA LYS B 370 32.89 -1.91 -2.20
C LYS B 370 31.97 -2.21 -1.03
N THR B 371 30.76 -2.70 -1.31
CA THR B 371 29.80 -2.97 -0.24
C THR B 371 30.33 -4.02 0.73
N LEU B 372 30.89 -5.11 0.20
CA LEU B 372 31.40 -6.17 1.06
C LEU B 372 32.57 -5.69 1.92
N LEU B 373 33.45 -4.85 1.36
CA LEU B 373 34.60 -4.37 2.12
C LEU B 373 34.16 -3.46 3.26
N HIS B 374 33.18 -2.60 3.02
CA HIS B 374 32.68 -1.74 4.09
C HIS B 374 32.02 -2.56 5.20
N LEU B 375 31.27 -3.61 4.82
CA LEU B 375 30.65 -4.46 5.82
C LEU B 375 31.70 -5.22 6.63
N GLN B 376 32.73 -5.74 5.96
CA GLN B 376 33.78 -6.46 6.67
C GLN B 376 34.53 -5.54 7.64
N LEU B 377 34.73 -4.28 7.26
CA LEU B 377 35.41 -3.34 8.14
C LEU B 377 34.55 -3.00 9.35
N LEU B 378 33.25 -2.82 9.14
CA LEU B 378 32.34 -2.48 10.23
C LEU B 378 32.08 -3.66 11.17
N ALA B 379 32.58 -4.84 10.85
CA ALA B 379 32.50 -5.99 11.75
C ALA B 379 33.71 -6.13 12.65
N GLN B 380 34.78 -5.37 12.41
CA GLN B 380 35.96 -5.41 13.25
C GLN B 380 35.76 -4.56 14.50
N ALA B 381 36.38 -4.99 15.60
CA ALA B 381 36.18 -4.33 16.89
C ALA B 381 36.55 -2.86 16.84
N ASP B 382 37.63 -2.51 16.12
CA ASP B 382 38.08 -1.13 16.06
C ASP B 382 37.10 -0.23 15.31
N TYR B 383 36.25 -0.80 14.46
CA TYR B 383 35.27 -0.03 13.70
C TYR B 383 33.87 -0.60 13.89
N ARG B 384 33.58 -1.11 15.09
CA ARG B 384 32.34 -1.85 15.32
C ARG B 384 31.12 -1.01 14.96
N LEU B 385 30.22 -1.61 14.19
CA LEU B 385 29.09 -0.88 13.63
C LEU B 385 28.23 -0.25 14.71
N SER B 386 27.94 -1.00 15.77
CA SER B 386 27.12 -0.45 16.85
C SER B 386 27.83 0.70 17.57
N ASP B 387 29.17 0.65 17.64
CA ASP B 387 29.91 1.71 18.29
C ASP B 387 29.90 2.99 17.45
N VAL B 388 30.15 2.88 16.15
CA VAL B 388 30.17 4.08 15.31
C VAL B 388 28.77 4.63 15.13
N MET B 389 27.75 3.77 15.15
CA MET B 389 26.37 4.25 15.08
C MET B 389 25.99 5.01 16.35
N ARG B 390 26.28 4.41 17.52
CA ARG B 390 26.02 5.10 18.78
C ARG B 390 26.75 6.43 18.85
N GLU B 391 28.01 6.45 18.40
CA GLU B 391 28.78 7.69 18.40
C GLU B 391 28.19 8.71 17.44
N SER B 392 27.77 8.26 16.25
CA SER B 392 27.20 9.18 15.27
C SER B 392 25.89 9.77 15.76
N LEU B 393 25.05 8.96 16.40
CA LEU B 393 23.73 9.41 16.83
C LEU B 393 23.77 10.36 18.02
N LEU B 394 24.92 10.49 18.70
CA LEU B 394 25.03 11.45 19.79
C LEU B 394 24.93 12.89 19.30
N GLU B 395 25.17 13.13 18.00
CA GLU B 395 25.07 14.47 17.45
C GLU B 395 23.64 14.99 17.42
N ASP B 396 22.65 14.10 17.49
CA ASP B 396 21.27 14.48 17.26
C ASP B 396 20.61 14.98 18.55
N GLN B 397 19.67 15.92 18.38
CA GLN B 397 19.00 16.52 19.52
C GLN B 397 18.20 15.50 20.31
N LEU B 398 17.71 14.44 19.67
CA LEU B 398 16.94 13.40 20.35
C LEU B 398 17.80 12.22 20.78
N SER B 399 19.09 12.44 20.98
CA SER B 399 19.94 11.39 21.51
C SER B 399 19.42 10.96 22.89
N PRO B 400 19.39 9.64 23.17
CA PRO B 400 19.80 8.58 22.26
C PRO B 400 18.68 8.20 21.28
N VAL B 401 19.02 8.16 20.00
CA VAL B 401 18.03 7.79 18.98
C VAL B 401 17.66 6.32 19.10
N LEU B 402 18.67 5.45 19.15
CA LEU B 402 18.48 4.02 19.26
C LEU B 402 18.90 3.56 20.66
N THR B 403 18.07 2.72 21.28
CA THR B 403 18.45 2.08 22.52
C THR B 403 19.55 1.04 22.24
N GLU B 404 20.15 0.55 23.32
CA GLU B 404 21.22 -0.43 23.17
C GLU B 404 20.79 -1.72 22.47
N PRO B 405 19.61 -2.30 22.73
CA PRO B 405 19.22 -3.50 21.97
C PRO B 405 19.19 -3.30 20.47
N HIS B 406 18.72 -2.16 19.98
CA HIS B 406 18.73 -1.90 18.55
C HIS B 406 20.15 -1.81 18.02
N LEU B 407 21.04 -1.14 18.76
CA LEU B 407 22.42 -1.00 18.32
C LEU B 407 23.12 -2.36 18.25
N LEU B 408 22.94 -3.19 19.28
CA LEU B 408 23.57 -4.51 19.28
C LEU B 408 22.99 -5.41 18.21
N ALA B 409 21.72 -5.22 17.84
CA ALA B 409 21.13 -6.01 16.76
C ALA B 409 21.79 -5.68 15.42
N LEU B 410 22.33 -4.47 15.27
CA LEU B 410 23.06 -4.12 14.05
C LEU B 410 24.30 -5.00 13.88
N ASP B 411 25.03 -5.25 14.97
CA ASP B 411 26.19 -6.14 14.89
C ASP B 411 25.75 -7.57 14.58
N ARG B 412 24.65 -8.02 15.17
CA ARG B 412 24.19 -9.39 14.95
C ARG B 412 23.74 -9.58 13.51
N ARG B 413 23.01 -8.62 12.96
CA ARG B 413 22.56 -8.71 11.58
C ARG B 413 23.72 -8.55 10.60
N LEU B 414 24.74 -7.77 10.96
CA LEU B 414 25.92 -7.66 10.12
C LEU B 414 26.64 -9.00 10.00
N GLN B 415 26.78 -9.72 11.12
CA GLN B 415 27.37 -11.05 11.07
C GLN B 415 26.54 -11.99 10.20
N THR B 416 25.22 -11.85 10.20
CA THR B 416 24.39 -12.70 9.35
C THR B 416 24.60 -12.38 7.88
N ILE B 417 24.77 -11.11 7.54
CA ILE B 417 25.03 -10.72 6.16
C ILE B 417 26.35 -11.32 5.67
N LEU B 418 27.41 -11.17 6.48
CA LEU B 418 28.72 -11.68 6.08
C LEU B 418 28.74 -13.20 6.06
N ARG B 419 28.09 -13.84 7.02
CA ARG B 419 27.98 -15.29 7.02
C ARG B 419 27.15 -15.78 5.84
N THR B 420 26.22 -14.95 5.35
CA THR B 420 25.50 -15.29 4.13
C THR B 420 26.42 -15.23 2.91
N VAL B 421 27.28 -14.21 2.86
CA VAL B 421 28.24 -14.09 1.76
C VAL B 421 29.17 -15.29 1.74
N GLU B 422 29.59 -15.76 2.92
CA GLU B 422 30.42 -16.97 3.00
C GLU B 422 29.71 -18.15 2.36
N GLY B 423 28.41 -18.31 2.61
CA GLY B 423 27.67 -19.38 1.98
C GLY B 423 27.65 -19.29 0.47
N CYS B 424 27.47 -18.07 -0.05
CA CYS B 424 27.51 -17.88 -1.50
C CYS B 424 28.89 -18.20 -2.07
N ILE B 425 29.94 -17.82 -1.35
CA ILE B 425 31.30 -18.04 -1.85
C ILE B 425 31.63 -19.53 -1.84
N VAL B 426 31.17 -20.25 -0.82
CA VAL B 426 31.37 -21.70 -0.79
C VAL B 426 30.71 -22.36 -2.01
N ALA B 427 29.54 -21.86 -2.40
CA ALA B 427 28.80 -22.48 -3.50
C ALA B 427 29.33 -22.04 -4.87
N HIS B 428 29.90 -20.85 -4.99
CA HIS B 428 30.22 -20.29 -6.29
C HIS B 428 31.60 -19.69 -6.43
N GLY B 429 32.36 -19.55 -5.36
CA GLY B 429 33.68 -18.96 -5.45
C GLY B 429 33.62 -17.44 -5.35
N GLN B 430 34.75 -16.86 -4.93
CA GLN B 430 34.81 -15.42 -4.74
C GLN B 430 34.64 -14.68 -6.07
N GLN B 431 35.20 -15.24 -7.15
CA GLN B 431 35.11 -14.57 -8.45
C GLN B 431 33.66 -14.34 -8.88
N SER B 432 32.79 -15.31 -8.60
CA SER B 432 31.39 -15.18 -9.00
C SER B 432 30.62 -14.26 -8.07
N VAL B 433 30.90 -14.32 -6.77
CA VAL B 433 30.09 -13.58 -5.80
C VAL B 433 30.49 -12.11 -5.77
N ILE B 434 31.79 -11.83 -5.62
CA ILE B 434 32.28 -10.48 -5.39
C ILE B 434 32.49 -9.83 -6.77
N VAL B 435 31.55 -8.95 -7.14
CA VAL B 435 31.61 -8.25 -8.42
C VAL B 435 32.34 -6.93 -8.25
N ASP B 436 33.13 -6.55 -9.25
CA ASP B 436 33.85 -5.29 -9.25
C ASP B 436 33.07 -4.23 -10.02
N GLY B 437 33.44 -2.97 -9.78
CA GLY B 437 32.75 -1.85 -10.38
C GLY B 437 33.46 -1.25 -11.56
N PRO B 438 32.69 -0.84 -12.59
CA PRO B 438 33.22 -0.15 -13.78
C PRO B 438 33.77 1.24 -13.46
#